data_1CQE
#
_entry.id   1CQE
#
_cell.length_a   99.400
_cell.length_b   210.300
_cell.length_c   233.100
_cell.angle_alpha   90.00
_cell.angle_beta   90.00
_cell.angle_gamma   90.00
#
_symmetry.space_group_name_H-M   'I 2 2 2'
#
loop_
_entity.id
_entity.type
_entity.pdbx_description
1 polymer 'PROTEIN (PROSTAGLANDIN H2 SYNTHASE-1)'
2 branched 2-acetamido-2-deoxy-beta-D-glucopyranose-(1-4)-2-acetamido-2-deoxy-beta-D-glucopyranose
3 non-polymer 'octyl beta-D-glucopyranoside'
4 non-polymer 'PROTOPORPHYRIN IX CONTAINING FE'
5 non-polymer FLURBIPROFEN
6 water water
#
_entity_poly.entity_id   1
_entity_poly.type   'polypeptide(L)'
_entity_poly.pdbx_seq_one_letter_code
;PVFSADPGAPAPVNPCCYYPCQHQGICVRFGLDRYQCDCTRTGYSGPNCTIPEIWTWLRTTLRPSPSFIHFLLTHGRWLW
DFVNATFIRDTLMRLVLTVRSNLIPSPPTYNIAHDYISWESFSNVSYYTRILPSVPRDCPTPMGTKGKKQLPDAEFLSRR
FLLRRKFIPDPQGTNLMFAFFAQHFTHQFFKTSGKMGPGFTKALGHGVDLGHIYGDNLERQYQLRLFKDGKLKYQMLNGE
VYPPSVEEAPVLMHYPRGIPPQSQMAVGQEVFGLLPGLMLYATIWLREHNRVCDLLKAEHPTWGDEQLFQTARLILIGET
IKIVIEEYVQQLSGYFLQLKFDPELLFGAQFQYRNRIAMEFNQLYHWHPLMPDSFRVGPQDYSYEQFLFNTSMLVDYGVE
ALVDAFSRQPAGRIGGGRNIDHHILHVAVDVIKESRVLRLQPFNEYRKRFGMKPYTSFQELTGEKEMAAELEELYGDIDA
LEFYPGLLLEKCHPNSIFGESMIEMGAPFSLKGLLGNPICSPEYWKASTFGGEVGFNLVKTATLKKLVCLNTKTCPYVSF
HVPDPRQEDRPGVERPPTEL
;
_entity_poly.pdbx_strand_id   A,B
#
# COMPACT_ATOMS: atom_id res chain seq x y z
N PRO A 12 -20.20 -33.96 10.02
CA PRO A 12 -21.14 -32.84 9.63
C PRO A 12 -20.60 -32.08 8.39
N VAL A 13 -21.46 -31.80 7.41
CA VAL A 13 -20.98 -31.06 6.23
C VAL A 13 -20.72 -29.65 6.65
N ASN A 14 -19.57 -29.13 6.23
CA ASN A 14 -19.20 -27.75 6.51
C ASN A 14 -20.38 -26.87 6.02
N PRO A 15 -21.07 -26.21 6.95
CA PRO A 15 -22.21 -25.34 6.65
C PRO A 15 -21.95 -24.24 5.63
N CYS A 16 -20.67 -23.89 5.48
CA CYS A 16 -20.28 -22.85 4.55
C CYS A 16 -20.12 -23.38 3.12
N CYS A 17 -20.26 -24.69 2.94
CA CYS A 17 -20.18 -25.24 1.61
C CYS A 17 -21.48 -24.87 0.89
N TYR A 18 -22.51 -24.54 1.67
CA TYR A 18 -23.78 -24.16 1.09
C TYR A 18 -23.77 -22.72 0.69
N TYR A 19 -22.66 -22.04 0.93
CA TYR A 19 -22.54 -20.62 0.62
C TYR A 19 -23.78 -19.93 1.20
N PRO A 20 -24.07 -20.14 2.52
CA PRO A 20 -25.25 -19.53 3.11
C PRO A 20 -25.42 -18.01 3.11
N CYS A 21 -24.35 -17.26 3.39
CA CYS A 21 -24.41 -15.81 3.48
C CYS A 21 -24.50 -15.04 2.16
N GLN A 22 -25.63 -14.38 1.95
CA GLN A 22 -25.84 -13.60 0.74
C GLN A 22 -25.26 -12.19 0.84
N HIS A 23 -25.26 -11.48 -0.27
CA HIS A 23 -24.80 -10.09 -0.34
C HIS A 23 -23.51 -9.70 0.33
N GLN A 24 -22.48 -10.52 0.11
CA GLN A 24 -21.14 -10.29 0.63
C GLN A 24 -20.96 -10.54 2.12
N GLY A 25 -21.96 -11.11 2.76
CA GLY A 25 -21.85 -11.41 4.17
C GLY A 25 -20.81 -12.50 4.35
N ILE A 26 -20.07 -12.49 5.46
CA ILE A 26 -19.06 -13.49 5.70
C ILE A 26 -19.49 -14.70 6.52
N CYS A 27 -19.25 -15.90 5.99
CA CYS A 27 -19.61 -17.14 6.67
C CYS A 27 -18.53 -17.57 7.65
N VAL A 28 -18.76 -17.35 8.93
CA VAL A 28 -17.80 -17.76 9.93
C VAL A 28 -18.33 -19.05 10.54
N ARG A 29 -17.46 -20.03 10.67
CA ARG A 29 -17.83 -21.32 11.23
C ARG A 29 -17.67 -21.29 12.74
N PHE A 30 -18.69 -21.74 13.45
CA PHE A 30 -18.67 -21.76 14.91
C PHE A 30 -18.96 -23.16 15.41
N GLY A 31 -18.40 -23.52 16.54
CA GLY A 31 -18.60 -24.86 17.06
C GLY A 31 -18.15 -25.88 16.03
N LEU A 32 -18.71 -27.07 16.13
CA LEU A 32 -18.36 -28.16 15.24
C LEU A 32 -19.30 -28.26 14.07
N ASP A 33 -20.46 -27.63 14.23
CA ASP A 33 -21.50 -27.73 13.23
C ASP A 33 -22.19 -26.44 12.87
N ARG A 34 -21.96 -25.35 13.59
CA ARG A 34 -22.64 -24.08 13.28
C ARG A 34 -21.86 -23.17 12.36
N TYR A 35 -22.49 -22.06 12.00
CA TYR A 35 -21.87 -21.04 11.16
C TYR A 35 -22.61 -19.75 11.47
N GLN A 36 -22.03 -18.62 11.07
CA GLN A 36 -22.64 -17.32 11.26
C GLN A 36 -22.25 -16.46 10.11
N CYS A 37 -23.18 -15.63 9.67
CA CYS A 37 -22.92 -14.73 8.57
C CYS A 37 -22.65 -13.36 9.11
N ASP A 38 -21.52 -12.79 8.73
CA ASP A 38 -21.18 -11.45 9.12
C ASP A 38 -21.72 -10.52 8.05
N CYS A 39 -22.89 -9.97 8.29
CA CYS A 39 -23.52 -9.08 7.31
C CYS A 39 -23.18 -7.63 7.54
N THR A 40 -22.12 -7.36 8.30
CA THR A 40 -21.73 -6.00 8.62
C THR A 40 -21.63 -5.17 7.35
N ARG A 41 -22.40 -4.10 7.31
CA ARG A 41 -22.43 -3.18 6.16
C ARG A 41 -22.78 -3.79 4.81
N THR A 42 -23.63 -4.81 4.78
CA THR A 42 -24.01 -5.44 3.51
C THR A 42 -25.31 -4.82 3.03
N GLY A 43 -26.01 -4.16 3.93
CA GLY A 43 -27.28 -3.57 3.55
C GLY A 43 -28.39 -4.58 3.74
N TYR A 44 -28.05 -5.69 4.40
CA TYR A 44 -28.96 -6.78 4.67
C TYR A 44 -28.77 -7.29 6.08
N SER A 45 -29.84 -7.77 6.66
CA SER A 45 -29.83 -8.35 8.00
C SER A 45 -30.38 -9.77 7.87
N GLY A 46 -30.47 -10.48 8.99
CA GLY A 46 -31.00 -11.83 8.92
C GLY A 46 -29.87 -12.80 9.05
N PRO A 47 -30.13 -14.09 9.28
CA PRO A 47 -29.14 -15.16 9.43
C PRO A 47 -28.28 -15.39 8.21
N ASN A 48 -28.84 -15.16 7.01
CA ASN A 48 -28.09 -15.36 5.78
C ASN A 48 -27.91 -14.08 5.00
N CYS A 49 -28.06 -12.95 5.65
CA CYS A 49 -27.91 -11.62 5.05
C CYS A 49 -28.85 -11.44 3.89
N THR A 50 -30.13 -11.73 4.12
CA THR A 50 -31.14 -11.62 3.06
C THR A 50 -32.24 -10.58 3.21
N ILE A 51 -32.42 -10.01 4.41
CA ILE A 51 -33.47 -9.00 4.66
C ILE A 51 -32.86 -7.61 4.46
N PRO A 52 -33.21 -6.96 3.36
CA PRO A 52 -32.72 -5.64 3.00
C PRO A 52 -33.24 -4.52 3.85
N GLU A 53 -32.53 -3.39 3.81
CA GLU A 53 -32.91 -2.17 4.51
C GLU A 53 -33.72 -1.41 3.50
N ILE A 54 -34.62 -0.52 3.94
CA ILE A 54 -35.47 0.16 3.00
C ILE A 54 -34.79 0.80 1.80
N TRP A 55 -33.58 1.28 2.02
CA TRP A 55 -32.78 1.92 1.00
C TRP A 55 -32.15 0.87 0.09
N THR A 56 -31.70 -0.23 0.67
CA THR A 56 -31.12 -1.31 -0.12
C THR A 56 -32.18 -1.87 -1.04
N TRP A 57 -33.40 -1.97 -0.50
CA TRP A 57 -34.52 -2.48 -1.26
C TRP A 57 -34.89 -1.63 -2.49
N LEU A 58 -34.87 -0.31 -2.35
CA LEU A 58 -35.18 0.56 -3.48
C LEU A 58 -34.10 0.42 -4.51
N ARG A 59 -32.87 0.77 -4.13
CA ARG A 59 -31.73 0.73 -5.01
C ARG A 59 -31.71 -0.52 -5.92
N THR A 60 -31.84 -1.70 -5.33
CA THR A 60 -31.82 -2.91 -6.13
C THR A 60 -33.04 -3.02 -7.02
N THR A 61 -34.23 -2.82 -6.45
CA THR A 61 -35.44 -2.93 -7.22
C THR A 61 -35.57 -1.86 -8.28
N LEU A 62 -34.72 -0.86 -8.27
CA LEU A 62 -34.81 0.18 -9.29
C LEU A 62 -33.64 0.13 -10.26
N ARG A 63 -32.79 -0.85 -10.10
CA ARG A 63 -31.64 -0.93 -10.96
C ARG A 63 -31.93 -1.69 -12.25
N PRO A 64 -31.84 -0.99 -13.40
CA PRO A 64 -32.09 -1.60 -14.70
C PRO A 64 -31.01 -2.63 -14.98
N SER A 65 -31.36 -3.69 -15.67
CA SER A 65 -30.38 -4.74 -15.95
C SER A 65 -29.17 -4.28 -16.76
N PRO A 66 -28.08 -5.04 -16.66
CA PRO A 66 -26.79 -4.87 -17.31
C PRO A 66 -27.03 -4.78 -18.80
N SER A 67 -27.93 -5.64 -19.25
CA SER A 67 -28.31 -5.72 -20.64
C SER A 67 -29.00 -4.43 -21.08
N PHE A 68 -29.89 -3.91 -20.23
CA PHE A 68 -30.59 -2.68 -20.56
C PHE A 68 -29.62 -1.52 -20.70
N ILE A 69 -28.73 -1.43 -19.74
CA ILE A 69 -27.74 -0.38 -19.73
C ILE A 69 -26.88 -0.49 -20.98
N HIS A 70 -26.37 -1.70 -21.24
CA HIS A 70 -25.52 -1.92 -22.40
C HIS A 70 -26.14 -1.43 -23.68
N PHE A 71 -27.45 -1.57 -23.74
CA PHE A 71 -28.22 -1.17 -24.89
C PHE A 71 -28.13 0.33 -25.11
N LEU A 72 -28.54 1.05 -24.10
CA LEU A 72 -28.53 2.51 -24.12
C LEU A 72 -27.14 3.06 -24.44
N LEU A 73 -26.10 2.41 -23.92
CA LEU A 73 -24.74 2.86 -24.15
C LEU A 73 -24.20 2.66 -25.55
N THR A 74 -24.81 1.73 -26.28
CA THR A 74 -24.41 1.42 -27.64
C THR A 74 -25.43 1.88 -28.66
N HIS A 75 -26.36 2.73 -28.25
CA HIS A 75 -27.37 3.22 -29.17
C HIS A 75 -27.64 4.70 -29.05
N GLY A 76 -28.22 5.28 -30.10
CA GLY A 76 -28.53 6.70 -30.10
C GLY A 76 -27.33 7.59 -30.25
N ARG A 77 -26.43 7.24 -31.17
CA ARG A 77 -25.21 7.99 -31.38
C ARG A 77 -25.45 9.49 -31.26
N TRP A 78 -26.58 9.94 -31.82
CA TRP A 78 -26.96 11.34 -31.81
C TRP A 78 -27.13 11.90 -30.42
N LEU A 79 -27.72 11.11 -29.53
CA LEU A 79 -27.93 11.57 -28.17
C LEU A 79 -26.58 11.68 -27.47
N TRP A 80 -25.81 10.61 -27.58
CA TRP A 80 -24.50 10.53 -26.98
C TRP A 80 -23.58 11.61 -27.44
N ASP A 81 -23.70 12.01 -28.70
CA ASP A 81 -22.86 13.08 -29.23
C ASP A 81 -23.05 14.35 -28.43
N PHE A 82 -24.29 14.67 -28.08
CA PHE A 82 -24.58 15.86 -27.30
C PHE A 82 -23.95 15.71 -25.93
N VAL A 83 -24.28 14.58 -25.31
CA VAL A 83 -23.80 14.22 -24.01
C VAL A 83 -22.30 14.33 -23.93
N ASN A 84 -21.61 13.74 -24.89
CA ASN A 84 -20.16 13.77 -24.91
C ASN A 84 -19.64 15.16 -25.04
N ALA A 85 -20.54 16.12 -25.26
CA ALA A 85 -20.16 17.53 -25.41
C ALA A 85 -20.65 18.42 -24.26
N THR A 86 -21.18 17.81 -23.20
CA THR A 86 -21.64 18.58 -22.06
C THR A 86 -20.83 18.13 -20.84
N PHE A 87 -21.18 18.68 -19.69
CA PHE A 87 -20.52 18.34 -18.43
C PHE A 87 -21.00 16.94 -18.01
N ILE A 88 -22.12 16.52 -18.57
CA ILE A 88 -22.72 15.24 -18.27
C ILE A 88 -21.80 14.07 -18.60
N ARG A 89 -20.88 14.26 -19.54
CA ARG A 89 -19.95 13.20 -19.87
C ARG A 89 -19.10 12.88 -18.63
N ASP A 90 -18.69 13.92 -17.92
CA ASP A 90 -17.89 13.77 -16.71
C ASP A 90 -18.66 13.15 -15.58
N THR A 91 -19.88 13.63 -15.45
CA THR A 91 -20.81 13.17 -14.47
C THR A 91 -20.97 11.65 -14.57
N LEU A 92 -21.17 11.16 -15.78
CA LEU A 92 -21.34 9.74 -16.00
C LEU A 92 -20.02 9.01 -15.83
N MET A 93 -18.95 9.62 -16.31
CA MET A 93 -17.64 8.99 -16.20
C MET A 93 -17.29 8.77 -14.74
N ARG A 94 -17.64 9.75 -13.90
CA ARG A 94 -17.37 9.64 -12.49
C ARG A 94 -18.23 8.55 -11.90
N LEU A 95 -19.46 8.44 -12.37
CA LEU A 95 -20.38 7.41 -11.90
C LEU A 95 -19.86 6.00 -12.22
N VAL A 96 -19.45 5.80 -13.48
CA VAL A 96 -18.90 4.53 -13.94
C VAL A 96 -17.68 4.14 -13.07
N LEU A 97 -16.83 5.13 -12.83
CA LEU A 97 -15.63 4.94 -12.03
C LEU A 97 -15.91 4.53 -10.62
N THR A 98 -16.78 5.26 -9.92
CA THR A 98 -17.04 4.92 -8.51
C THR A 98 -17.87 3.70 -8.33
N VAL A 99 -18.94 3.64 -9.07
CA VAL A 99 -19.83 2.51 -9.01
C VAL A 99 -19.11 1.19 -9.29
N ARG A 100 -18.33 1.18 -10.36
CA ARG A 100 -17.58 0.01 -10.78
C ARG A 100 -16.59 -0.45 -9.73
N SER A 101 -15.81 0.50 -9.23
CA SER A 101 -14.79 0.25 -8.23
C SER A 101 -15.25 -0.29 -6.88
N ASN A 102 -16.41 0.16 -6.39
CA ASN A 102 -16.90 -0.29 -5.09
C ASN A 102 -17.02 -1.78 -5.00
N LEU A 103 -17.04 -2.44 -6.15
CA LEU A 103 -17.15 -3.88 -6.18
C LEU A 103 -15.90 -4.59 -5.77
N ILE A 104 -14.76 -3.90 -5.86
CA ILE A 104 -13.45 -4.49 -5.55
C ILE A 104 -12.96 -3.99 -4.16
N PRO A 105 -12.75 -4.93 -3.20
CA PRO A 105 -12.30 -4.62 -1.85
C PRO A 105 -10.90 -4.03 -1.69
N SER A 106 -10.81 -3.01 -0.83
CA SER A 106 -9.56 -2.31 -0.50
C SER A 106 -9.57 -1.82 0.94
N PRO A 107 -8.58 -2.22 1.73
CA PRO A 107 -7.50 -3.12 1.32
C PRO A 107 -7.98 -4.52 0.96
N PRO A 108 -7.18 -5.26 0.18
CA PRO A 108 -7.47 -6.63 -0.28
C PRO A 108 -7.82 -7.58 0.87
N THR A 109 -8.53 -8.66 0.56
CA THR A 109 -8.97 -9.60 1.58
C THR A 109 -8.27 -10.96 1.67
N TYR A 110 -8.73 -11.94 0.89
CA TYR A 110 -8.19 -13.31 0.89
C TYR A 110 -7.11 -13.62 -0.17
N ASN A 111 -6.43 -14.74 0.02
CA ASN A 111 -5.40 -15.19 -0.92
C ASN A 111 -5.46 -16.71 -0.95
N ILE A 112 -4.70 -17.34 -1.82
CA ILE A 112 -4.72 -18.79 -1.92
C ILE A 112 -4.54 -19.52 -0.58
N ALA A 113 -3.86 -18.87 0.35
CA ALA A 113 -3.61 -19.47 1.65
C ALA A 113 -4.59 -19.13 2.75
N HIS A 114 -5.20 -17.95 2.67
CA HIS A 114 -6.13 -17.53 3.72
C HIS A 114 -7.48 -17.15 3.20
N ASP A 115 -8.48 -17.87 3.65
CA ASP A 115 -9.84 -17.57 3.23
C ASP A 115 -10.47 -16.80 4.36
N TYR A 116 -9.64 -15.94 4.93
CA TYR A 116 -10.01 -15.05 6.00
C TYR A 116 -9.04 -13.87 5.87
N ILE A 117 -9.40 -12.73 6.47
CA ILE A 117 -8.53 -11.57 6.45
C ILE A 117 -7.39 -11.86 7.43
N SER A 118 -6.19 -11.42 7.10
CA SER A 118 -5.06 -11.67 7.97
C SER A 118 -3.98 -10.67 7.61
N TRP A 119 -3.09 -10.40 8.54
CA TRP A 119 -2.02 -9.47 8.27
C TRP A 119 -1.13 -9.99 7.12
N GLU A 120 -0.84 -11.29 7.11
CA GLU A 120 -0.01 -11.89 6.08
C GLU A 120 -0.59 -11.69 4.69
N SER A 121 -1.90 -11.81 4.56
CA SER A 121 -2.52 -11.62 3.27
C SER A 121 -2.37 -10.15 2.91
N PHE A 122 -2.66 -9.27 3.86
CA PHE A 122 -2.54 -7.86 3.64
C PHE A 122 -1.14 -7.43 3.25
N SER A 123 -0.15 -8.05 3.86
CA SER A 123 1.21 -7.67 3.58
C SER A 123 2.03 -8.47 2.58
N ASN A 124 1.84 -9.79 2.48
CA ASN A 124 2.61 -10.59 1.53
C ASN A 124 2.13 -10.39 0.10
N VAL A 125 2.82 -9.51 -0.60
CA VAL A 125 2.53 -9.12 -1.95
C VAL A 125 2.86 -10.16 -3.07
N SER A 126 3.37 -11.32 -2.67
CA SER A 126 3.67 -12.39 -3.62
C SER A 126 2.43 -13.17 -3.98
N TYR A 127 1.37 -12.99 -3.19
CA TYR A 127 0.11 -13.66 -3.46
C TYR A 127 -0.83 -12.85 -4.37
N TYR A 128 -1.62 -13.54 -5.19
CA TYR A 128 -2.63 -12.88 -6.00
C TYR A 128 -3.74 -12.87 -4.95
N THR A 129 -4.61 -11.87 -4.98
CA THR A 129 -5.67 -11.84 -4.01
C THR A 129 -6.87 -12.51 -4.67
N ARG A 130 -7.99 -12.64 -3.96
CA ARG A 130 -9.20 -13.23 -4.51
C ARG A 130 -10.40 -12.55 -3.86
N ILE A 131 -11.47 -12.43 -4.64
CA ILE A 131 -12.71 -11.80 -4.21
C ILE A 131 -13.59 -12.72 -3.38
N LEU A 132 -13.65 -14.00 -3.75
CA LEU A 132 -14.43 -14.99 -2.99
C LEU A 132 -13.47 -16.03 -2.51
N PRO A 133 -13.63 -16.46 -1.27
CA PRO A 133 -12.74 -17.47 -0.72
C PRO A 133 -12.97 -18.74 -1.49
N SER A 134 -12.05 -19.68 -1.35
CA SER A 134 -12.16 -20.92 -2.08
C SER A 134 -13.32 -21.79 -1.62
N VAL A 135 -13.56 -22.87 -2.36
CA VAL A 135 -14.57 -23.83 -2.00
C VAL A 135 -13.88 -24.64 -0.91
N PRO A 136 -14.45 -24.64 0.29
CA PRO A 136 -13.87 -25.39 1.42
C PRO A 136 -13.41 -26.77 0.99
N ARG A 137 -12.21 -27.14 1.37
CA ARG A 137 -11.68 -28.44 1.00
C ARG A 137 -12.49 -29.60 1.52
N ASP A 138 -13.34 -29.34 2.50
CA ASP A 138 -14.16 -30.39 3.10
C ASP A 138 -15.60 -30.47 2.61
N CYS A 139 -15.83 -29.99 1.39
CA CYS A 139 -17.16 -30.03 0.81
C CYS A 139 -17.41 -31.32 0.02
N PRO A 140 -18.67 -31.76 -0.07
CA PRO A 140 -19.10 -32.97 -0.78
C PRO A 140 -18.61 -33.05 -2.21
N THR A 141 -18.89 -32.03 -2.98
CA THR A 141 -18.47 -32.01 -4.36
C THR A 141 -17.35 -30.99 -4.47
N PRO A 142 -16.69 -30.93 -5.63
CA PRO A 142 -15.59 -29.98 -5.90
C PRO A 142 -16.01 -28.49 -5.90
N MET A 143 -17.29 -28.23 -6.16
CA MET A 143 -17.82 -26.87 -6.21
C MET A 143 -18.70 -26.58 -5.00
N GLY A 144 -18.58 -27.39 -3.97
CA GLY A 144 -19.35 -27.16 -2.76
C GLY A 144 -20.39 -28.21 -2.46
N THR A 145 -21.62 -27.91 -2.86
CA THR A 145 -22.73 -28.81 -2.60
C THR A 145 -23.34 -29.46 -3.86
N LYS A 146 -23.33 -28.75 -4.99
CA LYS A 146 -23.91 -29.23 -6.22
C LYS A 146 -22.95 -29.78 -7.27
N GLY A 147 -23.51 -30.40 -8.31
CA GLY A 147 -22.69 -30.97 -9.37
C GLY A 147 -22.22 -32.38 -9.09
N LYS A 148 -21.47 -32.91 -10.03
CA LYS A 148 -20.97 -34.26 -9.88
C LYS A 148 -19.73 -34.24 -9.03
N LYS A 149 -19.46 -35.38 -8.37
CA LYS A 149 -18.31 -35.55 -7.48
C LYS A 149 -17.00 -35.39 -8.19
N GLN A 150 -17.06 -35.41 -9.51
CA GLN A 150 -15.87 -35.26 -10.33
C GLN A 150 -16.21 -34.24 -11.40
N LEU A 151 -15.27 -33.34 -11.70
CA LEU A 151 -15.56 -32.33 -12.69
C LEU A 151 -15.13 -32.79 -14.08
N PRO A 152 -15.74 -32.24 -15.14
CA PRO A 152 -15.47 -32.55 -16.54
C PRO A 152 -13.99 -32.53 -16.85
N ASP A 153 -13.51 -33.51 -17.63
CA ASP A 153 -12.11 -33.54 -18.01
C ASP A 153 -11.79 -32.18 -18.64
N ALA A 154 -10.78 -31.50 -18.13
CA ALA A 154 -10.43 -30.18 -18.65
C ALA A 154 -10.15 -30.18 -20.15
N GLU A 155 -9.37 -31.16 -20.59
CA GLU A 155 -9.01 -31.29 -21.99
C GLU A 155 -10.21 -31.49 -22.91
N PHE A 156 -11.08 -32.40 -22.51
CA PHE A 156 -12.29 -32.77 -23.24
C PHE A 156 -13.18 -31.57 -23.41
N LEU A 157 -13.43 -30.96 -22.28
CA LEU A 157 -14.25 -29.79 -22.16
C LEU A 157 -13.65 -28.76 -23.10
N SER A 158 -12.32 -28.76 -23.16
CA SER A 158 -11.65 -27.80 -24.00
C SER A 158 -11.82 -28.09 -25.48
N ARG A 159 -11.74 -29.35 -25.88
CA ARG A 159 -11.91 -29.68 -27.30
C ARG A 159 -13.38 -29.62 -27.77
N ARG A 160 -14.32 -29.97 -26.90
CA ARG A 160 -15.73 -29.94 -27.21
C ARG A 160 -16.35 -28.56 -27.42
N PHE A 161 -16.05 -27.62 -26.52
CA PHE A 161 -16.63 -26.28 -26.57
C PHE A 161 -15.74 -25.08 -26.80
N LEU A 162 -14.43 -25.22 -26.65
CA LEU A 162 -13.55 -24.08 -26.83
C LEU A 162 -12.75 -24.12 -28.08
N LEU A 163 -12.48 -25.31 -28.59
CA LEU A 163 -11.70 -25.43 -29.80
C LEU A 163 -12.32 -24.77 -31.03
N ARG A 164 -11.50 -23.98 -31.71
CA ARG A 164 -11.93 -23.28 -32.89
C ARG A 164 -12.16 -24.25 -34.02
N ARG A 165 -13.38 -24.23 -34.52
CA ARG A 165 -13.75 -25.04 -35.67
C ARG A 165 -13.43 -24.14 -36.87
N LYS A 166 -14.18 -23.06 -37.04
CA LYS A 166 -13.97 -22.10 -38.12
C LYS A 166 -13.78 -20.79 -37.41
N PHE A 167 -12.85 -19.96 -37.87
CA PHE A 167 -12.58 -18.68 -37.25
C PHE A 167 -13.76 -17.74 -37.18
N ILE A 168 -14.08 -17.25 -35.98
CA ILE A 168 -15.17 -16.30 -35.80
C ILE A 168 -14.55 -14.98 -35.47
N PRO A 169 -14.57 -14.05 -36.41
CA PRO A 169 -13.99 -12.75 -36.16
C PRO A 169 -14.85 -11.94 -35.21
N ASP A 170 -14.22 -10.98 -34.51
CA ASP A 170 -14.94 -10.12 -33.60
C ASP A 170 -15.67 -9.09 -34.43
N PRO A 171 -17.00 -8.96 -34.19
CA PRO A 171 -17.95 -8.04 -34.84
C PRO A 171 -17.67 -6.59 -34.49
N GLN A 172 -16.98 -6.35 -33.39
CA GLN A 172 -16.66 -4.99 -33.02
C GLN A 172 -15.54 -4.37 -33.88
N GLY A 173 -14.87 -5.18 -34.69
CA GLY A 173 -13.83 -4.66 -35.54
C GLY A 173 -12.49 -4.51 -34.87
N THR A 174 -12.30 -5.29 -33.81
CA THR A 174 -11.07 -5.26 -33.07
C THR A 174 -10.04 -5.95 -33.94
N ASN A 175 -8.79 -5.49 -33.91
CA ASN A 175 -7.73 -6.08 -34.71
C ASN A 175 -6.57 -6.70 -33.90
N LEU A 176 -5.46 -7.00 -34.55
CA LEU A 176 -4.32 -7.58 -33.85
C LEU A 176 -3.51 -6.51 -33.12
N MET A 177 -3.60 -5.27 -33.58
CA MET A 177 -2.88 -4.19 -32.92
C MET A 177 -3.40 -4.10 -31.47
N PHE A 178 -4.70 -4.29 -31.32
CA PHE A 178 -5.33 -4.27 -30.01
C PHE A 178 -5.06 -5.60 -29.31
N ALA A 179 -5.19 -6.72 -30.00
CA ALA A 179 -4.95 -8.01 -29.37
C ALA A 179 -3.55 -8.10 -28.75
N PHE A 180 -2.53 -7.59 -29.44
CA PHE A 180 -1.17 -7.59 -28.93
C PHE A 180 -0.98 -6.53 -27.86
N PHE A 181 -1.70 -5.43 -27.98
CA PHE A 181 -1.60 -4.38 -26.96
C PHE A 181 -2.08 -4.95 -25.63
N ALA A 182 -3.17 -5.72 -25.69
CA ALA A 182 -3.76 -6.34 -24.50
C ALA A 182 -2.80 -7.33 -23.90
N GLN A 183 -2.13 -8.09 -24.75
CA GLN A 183 -1.20 -9.08 -24.27
C GLN A 183 -0.02 -8.42 -23.61
N HIS A 184 0.53 -7.41 -24.26
CA HIS A 184 1.68 -6.67 -23.75
C HIS A 184 1.31 -6.02 -22.43
N PHE A 185 0.23 -5.25 -22.44
CA PHE A 185 -0.26 -4.54 -21.28
C PHE A 185 -0.45 -5.45 -20.08
N THR A 186 -1.36 -6.40 -20.21
CA THR A 186 -1.64 -7.32 -19.12
C THR A 186 -0.45 -8.11 -18.57
N HIS A 187 0.60 -8.28 -19.36
CA HIS A 187 1.74 -9.04 -18.90
C HIS A 187 2.70 -8.30 -18.01
N GLN A 188 2.26 -7.15 -17.51
CA GLN A 188 3.04 -6.37 -16.57
C GLN A 188 2.50 -6.65 -15.17
N PHE A 189 1.19 -6.97 -15.06
CA PHE A 189 0.57 -7.29 -13.77
C PHE A 189 0.19 -8.76 -13.54
N PHE A 190 0.15 -9.56 -14.62
CA PHE A 190 -0.14 -11.00 -14.57
C PHE A 190 1.22 -11.60 -14.84
N LYS A 191 1.79 -12.26 -13.84
CA LYS A 191 3.12 -12.81 -13.99
C LYS A 191 3.26 -13.86 -12.94
N THR A 192 2.50 -14.93 -13.10
CA THR A 192 2.49 -16.01 -12.14
C THR A 192 3.84 -16.68 -11.87
N SER A 193 4.26 -16.77 -10.62
CA SER A 193 5.52 -17.40 -10.26
C SER A 193 5.48 -18.89 -10.55
N GLY A 194 6.28 -19.31 -11.52
CA GLY A 194 6.33 -20.70 -11.89
C GLY A 194 6.94 -21.49 -10.76
N LYS A 195 7.91 -20.89 -10.09
CA LYS A 195 8.60 -21.54 -8.97
C LYS A 195 7.71 -21.72 -7.71
N MET A 196 6.81 -20.77 -7.47
CA MET A 196 5.93 -20.83 -6.31
C MET A 196 4.58 -21.53 -6.50
N GLY A 197 4.16 -21.64 -7.74
CA GLY A 197 2.89 -22.29 -8.00
C GLY A 197 1.79 -21.28 -8.25
N PRO A 198 0.57 -21.75 -8.52
CA PRO A 198 -0.56 -20.87 -8.79
C PRO A 198 -0.83 -20.03 -7.57
N GLY A 199 -1.42 -18.86 -7.78
CA GLY A 199 -1.73 -17.99 -6.67
C GLY A 199 -0.56 -17.11 -6.26
N PHE A 200 0.59 -17.32 -6.88
CA PHE A 200 1.79 -16.55 -6.62
C PHE A 200 2.21 -15.77 -7.85
N THR A 201 2.59 -14.51 -7.65
CA THR A 201 2.97 -13.59 -8.71
C THR A 201 4.34 -12.99 -8.51
N LYS A 202 5.01 -12.71 -9.63
CA LYS A 202 6.30 -12.08 -9.64
C LYS A 202 6.12 -10.60 -9.89
N ALA A 203 4.94 -10.23 -10.36
CA ALA A 203 4.60 -8.84 -10.68
C ALA A 203 4.11 -8.15 -9.44
N LEU A 204 5.03 -7.89 -8.52
CA LEU A 204 4.74 -7.27 -7.22
C LEU A 204 4.22 -5.84 -7.27
N GLY A 205 4.24 -5.24 -8.45
CA GLY A 205 3.71 -3.89 -8.59
C GLY A 205 2.20 -3.93 -8.54
N HIS A 206 1.62 -5.09 -8.83
CA HIS A 206 0.18 -5.32 -8.83
C HIS A 206 -0.58 -4.22 -9.54
N GLY A 207 -0.15 -3.89 -10.76
CA GLY A 207 -0.82 -2.82 -11.46
C GLY A 207 0.08 -2.24 -12.54
N VAL A 208 -0.30 -1.05 -13.01
CA VAL A 208 0.42 -0.37 -14.07
C VAL A 208 1.71 0.31 -13.60
N ASP A 209 2.72 -0.49 -13.29
CA ASP A 209 4.01 0.05 -12.87
C ASP A 209 4.98 0.08 -14.04
N LEU A 210 4.52 -0.41 -15.20
CA LEU A 210 5.32 -0.52 -16.42
C LEU A 210 6.58 -1.35 -16.19
N GLY A 211 6.45 -2.39 -15.39
CA GLY A 211 7.56 -3.26 -15.08
C GLY A 211 7.88 -4.19 -16.23
N HIS A 212 6.97 -4.26 -17.19
CA HIS A 212 7.19 -5.08 -18.37
C HIS A 212 8.06 -4.33 -19.39
N ILE A 213 8.52 -3.14 -19.02
CA ILE A 213 9.39 -2.30 -19.84
C ILE A 213 10.72 -2.12 -19.10
N TYR A 214 10.62 -1.80 -17.81
CA TYR A 214 11.75 -1.55 -16.90
C TYR A 214 12.28 -2.72 -16.06
N GLY A 215 11.53 -3.80 -15.93
CA GLY A 215 12.01 -4.92 -15.12
C GLY A 215 11.16 -5.06 -13.87
N ASP A 216 10.97 -6.28 -13.36
CA ASP A 216 10.15 -6.44 -12.19
C ASP A 216 10.98 -6.33 -10.95
N ASN A 217 12.24 -5.96 -11.12
CA ASN A 217 13.15 -5.82 -9.97
C ASN A 217 14.29 -4.85 -10.29
N LEU A 218 14.76 -4.15 -9.25
CA LEU A 218 15.80 -3.12 -9.41
C LEU A 218 17.03 -3.50 -10.19
N GLU A 219 17.58 -4.65 -9.90
CA GLU A 219 18.77 -5.09 -10.61
C GLU A 219 18.56 -5.11 -12.10
N ARG A 220 17.46 -5.75 -12.53
CA ARG A 220 17.11 -5.86 -13.93
C ARG A 220 16.98 -4.48 -14.52
N GLN A 221 16.38 -3.55 -13.77
CA GLN A 221 16.23 -2.18 -14.26
C GLN A 221 17.60 -1.58 -14.54
N TYR A 222 18.53 -1.73 -13.60
CA TYR A 222 19.86 -1.18 -13.78
C TYR A 222 20.59 -1.76 -14.97
N GLN A 223 20.23 -3.00 -15.29
CA GLN A 223 20.82 -3.71 -16.39
C GLN A 223 20.35 -3.13 -17.72
N LEU A 224 19.10 -2.72 -17.76
CA LEU A 224 18.50 -2.19 -18.97
C LEU A 224 18.76 -0.72 -19.12
N ARG A 225 19.24 -0.08 -18.06
CA ARG A 225 19.49 1.36 -18.07
C ARG A 225 20.80 1.78 -18.65
N LEU A 226 20.72 2.82 -19.47
CA LEU A 226 21.88 3.37 -20.14
C LEU A 226 22.68 4.17 -19.15
N PHE A 227 22.00 4.74 -18.17
CA PHE A 227 22.63 5.56 -17.16
C PHE A 227 23.21 6.85 -17.73
N LYS A 228 22.53 7.41 -18.72
CA LYS A 228 22.93 8.67 -19.32
C LYS A 228 21.62 9.31 -19.79
N ASP A 229 21.38 10.53 -19.35
CA ASP A 229 20.16 11.29 -19.69
C ASP A 229 18.85 10.59 -19.34
N GLY A 230 18.94 9.67 -18.39
CA GLY A 230 17.76 8.93 -17.97
C GLY A 230 17.35 7.91 -19.01
N LYS A 231 18.16 7.79 -20.05
CA LYS A 231 17.90 6.86 -21.13
C LYS A 231 18.05 5.39 -20.77
N LEU A 232 17.33 4.59 -21.58
CA LEU A 232 17.27 3.14 -21.53
C LEU A 232 18.24 2.71 -22.64
N LYS A 233 18.90 1.57 -22.48
CA LYS A 233 19.84 1.09 -23.48
C LYS A 233 19.06 0.73 -24.72
N TYR A 234 19.77 0.59 -25.84
CA TYR A 234 19.12 0.21 -27.10
C TYR A 234 20.19 -0.03 -28.15
N GLN A 235 19.76 -0.36 -29.35
CA GLN A 235 20.66 -0.64 -30.47
C GLN A 235 20.09 -0.16 -31.80
N MET A 236 20.98 0.14 -32.72
CA MET A 236 20.58 0.61 -34.04
C MET A 236 20.76 -0.54 -35.00
N LEU A 237 19.70 -0.81 -35.75
CA LEU A 237 19.70 -1.87 -36.74
C LEU A 237 18.95 -1.22 -37.85
N ASN A 238 19.57 -1.20 -39.03
CA ASN A 238 18.96 -0.59 -40.22
C ASN A 238 18.67 0.88 -39.96
N GLY A 239 19.52 1.49 -39.14
CA GLY A 239 19.35 2.88 -38.78
C GLY A 239 18.14 3.12 -37.87
N GLU A 240 17.55 2.04 -37.37
CA GLU A 240 16.40 2.12 -36.50
C GLU A 240 16.80 1.65 -35.12
N VAL A 241 16.09 2.16 -34.13
CA VAL A 241 16.33 1.82 -32.74
C VAL A 241 15.53 0.59 -32.31
N TYR A 242 16.23 -0.33 -31.65
CA TYR A 242 15.62 -1.56 -31.15
C TYR A 242 16.17 -1.87 -29.77
N PRO A 243 15.49 -2.72 -29.00
CA PRO A 243 15.98 -3.05 -27.67
C PRO A 243 17.39 -3.58 -27.79
N PRO A 244 18.22 -3.38 -26.77
CA PRO A 244 19.61 -3.83 -26.76
C PRO A 244 19.68 -5.36 -26.85
N SER A 245 20.88 -5.91 -27.05
CA SER A 245 21.04 -7.36 -27.10
C SER A 245 21.21 -7.91 -25.69
N VAL A 246 20.97 -9.20 -25.49
CA VAL A 246 21.18 -9.76 -24.18
C VAL A 246 22.68 -9.72 -23.88
N GLU A 247 23.46 -9.41 -24.90
CA GLU A 247 24.89 -9.30 -24.73
C GLU A 247 25.24 -7.93 -24.13
N GLU A 248 24.62 -6.89 -24.67
CA GLU A 248 24.84 -5.54 -24.22
C GLU A 248 24.19 -5.26 -22.90
N ALA A 249 23.02 -5.84 -22.69
CA ALA A 249 22.24 -5.68 -21.47
C ALA A 249 21.94 -7.10 -21.00
N PRO A 250 22.92 -7.75 -20.38
CA PRO A 250 22.89 -9.11 -19.84
C PRO A 250 21.81 -9.37 -18.82
N VAL A 251 20.59 -9.38 -19.32
CA VAL A 251 19.42 -9.58 -18.51
C VAL A 251 18.83 -10.96 -18.88
N LEU A 252 18.20 -11.69 -17.95
CA LEU A 252 17.63 -13.00 -18.29
C LEU A 252 16.38 -12.91 -19.13
N MET A 253 16.42 -13.56 -20.28
CA MET A 253 15.30 -13.58 -21.19
C MET A 253 14.94 -15.04 -21.43
N HIS A 254 13.70 -15.28 -21.87
CA HIS A 254 13.28 -16.64 -22.17
C HIS A 254 13.22 -16.81 -23.70
N TYR A 255 14.30 -17.35 -24.24
CA TYR A 255 14.47 -17.61 -25.67
C TYR A 255 14.79 -19.10 -25.78
N PRO A 256 14.39 -19.76 -26.89
CA PRO A 256 14.70 -21.20 -26.99
C PRO A 256 16.22 -21.52 -26.93
N ARG A 257 16.56 -22.68 -26.36
CA ARG A 257 17.95 -23.14 -26.23
C ARG A 257 18.64 -22.98 -27.55
N GLY A 258 19.92 -22.67 -27.51
CA GLY A 258 20.62 -22.52 -28.77
C GLY A 258 20.63 -21.10 -29.29
N ILE A 259 19.71 -20.25 -28.85
CA ILE A 259 19.73 -18.86 -29.32
C ILE A 259 20.76 -18.10 -28.47
N PRO A 260 21.79 -17.50 -29.11
CA PRO A 260 22.79 -16.77 -28.35
C PRO A 260 22.34 -15.40 -27.93
N PRO A 261 22.99 -14.88 -26.88
CA PRO A 261 22.78 -13.59 -26.21
C PRO A 261 22.81 -12.50 -27.22
N GLN A 262 23.82 -12.55 -28.07
CA GLN A 262 23.96 -11.55 -29.09
C GLN A 262 22.79 -11.56 -30.01
N SER A 263 22.00 -12.63 -29.98
CA SER A 263 20.86 -12.72 -30.87
C SER A 263 19.51 -12.50 -30.22
N GLN A 264 19.53 -12.21 -28.93
CA GLN A 264 18.32 -11.98 -28.14
C GLN A 264 18.21 -10.50 -27.79
N MET A 265 17.00 -9.97 -27.76
CA MET A 265 16.81 -8.57 -27.40
C MET A 265 16.43 -8.55 -25.95
N ALA A 266 17.06 -7.66 -25.16
CA ALA A 266 16.77 -7.56 -23.72
C ALA A 266 15.68 -6.53 -23.41
N VAL A 267 14.59 -6.99 -22.78
CA VAL A 267 13.50 -6.09 -22.39
C VAL A 267 13.00 -6.39 -20.97
N GLY A 268 12.11 -5.55 -20.46
CA GLY A 268 11.60 -5.75 -19.13
C GLY A 268 11.01 -7.11 -18.83
N GLN A 269 10.06 -7.55 -19.64
CA GLN A 269 9.38 -8.83 -19.48
C GLN A 269 10.19 -9.94 -20.16
N GLU A 270 10.65 -10.90 -19.35
CA GLU A 270 11.48 -12.03 -19.81
C GLU A 270 10.91 -12.83 -20.96
N VAL A 271 9.60 -12.89 -20.94
CA VAL A 271 8.88 -13.66 -21.88
C VAL A 271 8.56 -13.00 -23.22
N PHE A 272 8.68 -11.66 -23.32
CA PHE A 272 8.35 -10.93 -24.56
C PHE A 272 9.06 -11.28 -25.86
N GLY A 273 10.07 -12.15 -25.78
CA GLY A 273 10.79 -12.54 -26.97
C GLY A 273 10.09 -13.59 -27.84
N LEU A 274 9.05 -14.22 -27.31
CA LEU A 274 8.39 -15.25 -28.06
C LEU A 274 7.37 -14.83 -29.09
N LEU A 275 7.25 -13.52 -29.36
CA LEU A 275 6.28 -13.04 -30.35
C LEU A 275 6.59 -11.65 -30.89
N PRO A 276 6.63 -11.51 -32.22
CA PRO A 276 6.91 -10.21 -32.86
C PRO A 276 5.94 -9.13 -32.37
N GLY A 277 4.69 -9.50 -32.12
CA GLY A 277 3.72 -8.52 -31.65
C GLY A 277 4.09 -7.88 -30.33
N LEU A 278 4.63 -8.68 -29.42
CA LEU A 278 5.09 -8.24 -28.10
C LEU A 278 6.30 -7.36 -28.20
N MET A 279 7.34 -7.90 -28.83
CA MET A 279 8.58 -7.17 -29.03
C MET A 279 8.36 -5.90 -29.87
N LEU A 280 7.27 -5.84 -30.62
CA LEU A 280 6.94 -4.64 -31.41
C LEU A 280 6.60 -3.55 -30.42
N TYR A 281 5.73 -3.88 -29.48
CA TYR A 281 5.31 -2.94 -28.46
C TYR A 281 6.44 -2.58 -27.50
N ALA A 282 7.31 -3.53 -27.21
CA ALA A 282 8.43 -3.24 -26.33
C ALA A 282 9.33 -2.20 -27.01
N THR A 283 9.43 -2.27 -28.34
CA THR A 283 10.24 -1.35 -29.13
C THR A 283 9.64 0.04 -29.17
N ILE A 284 8.33 0.12 -29.33
CA ILE A 284 7.65 1.42 -29.38
C ILE A 284 7.83 2.20 -28.08
N TRP A 285 7.60 1.50 -26.97
CA TRP A 285 7.74 2.13 -25.67
C TRP A 285 9.20 2.45 -25.34
N LEU A 286 10.16 1.62 -25.73
CA LEU A 286 11.57 1.95 -25.45
C LEU A 286 11.88 3.21 -26.22
N ARG A 287 11.39 3.26 -27.44
CA ARG A 287 11.57 4.44 -28.25
C ARG A 287 10.96 5.62 -27.50
N GLU A 288 9.71 5.47 -27.06
CA GLU A 288 8.99 6.50 -26.32
C GLU A 288 9.65 7.00 -25.03
N HIS A 289 10.29 6.11 -24.27
CA HIS A 289 10.93 6.52 -23.03
C HIS A 289 12.08 7.46 -23.31
N ASN A 290 12.97 7.03 -24.19
CA ASN A 290 14.13 7.84 -24.53
C ASN A 290 13.77 9.20 -25.13
N ARG A 291 12.67 9.23 -25.86
CA ARG A 291 12.19 10.44 -26.51
C ARG A 291 11.77 11.45 -25.48
N VAL A 292 11.02 10.99 -24.49
CA VAL A 292 10.55 11.82 -23.39
C VAL A 292 11.76 12.23 -22.54
N CYS A 293 12.78 11.36 -22.45
CA CYS A 293 13.98 11.70 -21.70
C CYS A 293 14.59 12.93 -22.32
N ASP A 294 14.59 13.01 -23.64
CA ASP A 294 15.12 14.20 -24.30
C ASP A 294 14.28 15.44 -24.01
N LEU A 295 12.96 15.36 -24.09
CA LEU A 295 12.10 16.51 -23.81
C LEU A 295 12.37 17.12 -22.45
N LEU A 296 12.67 16.27 -21.49
CA LEU A 296 12.90 16.72 -20.15
C LEU A 296 14.25 17.37 -19.99
N LYS A 297 15.27 16.72 -20.51
CA LYS A 297 16.63 17.21 -20.43
C LYS A 297 16.71 18.64 -20.98
N ALA A 298 15.94 18.90 -22.02
CA ALA A 298 15.92 20.21 -22.64
C ALA A 298 15.40 21.21 -21.66
N GLU A 299 14.39 20.78 -20.93
CA GLU A 299 13.71 21.60 -19.95
C GLU A 299 14.47 21.74 -18.64
N HIS A 300 15.19 20.71 -18.27
CA HIS A 300 15.90 20.69 -17.00
C HIS A 300 17.34 20.23 -17.16
N PRO A 301 18.21 21.10 -17.70
CA PRO A 301 19.63 20.76 -17.90
C PRO A 301 20.33 20.41 -16.62
N THR A 302 19.79 20.88 -15.51
CA THR A 302 20.36 20.64 -14.21
C THR A 302 20.11 19.25 -13.68
N TRP A 303 19.11 18.57 -14.26
CA TRP A 303 18.73 17.22 -13.85
C TRP A 303 19.75 16.18 -14.18
N GLY A 304 19.80 15.16 -13.32
CA GLY A 304 20.71 14.05 -13.52
C GLY A 304 20.01 12.89 -14.18
N ASP A 305 20.69 11.75 -14.24
CA ASP A 305 20.15 10.55 -14.86
C ASP A 305 18.94 10.00 -14.11
N GLU A 306 19.10 9.73 -12.82
CA GLU A 306 17.99 9.22 -12.02
C GLU A 306 16.73 10.05 -12.14
N GLN A 307 16.80 11.34 -11.88
CA GLN A 307 15.59 12.12 -12.00
C GLN A 307 15.03 12.15 -13.40
N LEU A 308 15.88 12.13 -14.41
CA LEU A 308 15.38 12.09 -15.77
C LEU A 308 14.65 10.74 -15.95
N PHE A 309 15.32 9.66 -15.58
CA PHE A 309 14.75 8.31 -15.69
C PHE A 309 13.44 8.18 -14.94
N GLN A 310 13.48 8.53 -13.67
CA GLN A 310 12.33 8.47 -12.80
C GLN A 310 11.14 9.26 -13.34
N THR A 311 11.37 10.51 -13.74
CA THR A 311 10.29 11.34 -14.26
C THR A 311 9.82 10.80 -15.61
N ALA A 312 10.70 10.21 -16.39
CA ALA A 312 10.31 9.67 -17.69
C ALA A 312 9.34 8.52 -17.49
N ARG A 313 9.68 7.65 -16.54
CA ARG A 313 8.82 6.52 -16.23
C ARG A 313 7.42 6.92 -15.76
N LEU A 314 7.30 7.96 -14.94
CA LEU A 314 6.00 8.42 -14.47
C LEU A 314 5.17 8.97 -15.62
N ILE A 315 5.84 9.56 -16.61
CA ILE A 315 5.14 10.13 -17.77
C ILE A 315 4.55 9.03 -18.65
N LEU A 316 5.32 7.96 -18.87
CA LEU A 316 4.81 6.85 -19.68
C LEU A 316 3.71 6.08 -18.93
N ILE A 317 3.78 6.05 -17.60
CA ILE A 317 2.77 5.36 -16.79
C ILE A 317 1.46 6.11 -17.04
N GLY A 318 1.54 7.45 -17.02
CA GLY A 318 0.37 8.25 -17.27
C GLY A 318 -0.13 8.08 -18.70
N GLU A 319 0.80 8.07 -19.65
CA GLU A 319 0.46 7.86 -21.06
C GLU A 319 -0.26 6.54 -21.20
N THR A 320 0.29 5.49 -20.58
CA THR A 320 -0.31 4.18 -20.63
C THR A 320 -1.75 4.16 -20.08
N ILE A 321 -1.95 4.71 -18.89
CA ILE A 321 -3.29 4.74 -18.30
C ILE A 321 -4.31 5.54 -19.11
N LYS A 322 -3.86 6.53 -19.86
CA LYS A 322 -4.76 7.33 -20.67
C LYS A 322 -5.24 6.57 -21.91
N ILE A 323 -4.29 6.03 -22.65
CA ILE A 323 -4.56 5.28 -23.86
C ILE A 323 -5.41 4.05 -23.54
N VAL A 324 -5.17 3.41 -22.40
CA VAL A 324 -5.98 2.26 -22.02
C VAL A 324 -7.45 2.65 -21.80
N ILE A 325 -7.71 3.71 -21.06
CA ILE A 325 -9.10 4.13 -20.80
C ILE A 325 -9.84 4.75 -21.99
N GLU A 326 -9.17 5.63 -22.70
CA GLU A 326 -9.79 6.32 -23.80
C GLU A 326 -9.76 5.67 -25.16
N GLU A 327 -8.90 4.69 -25.36
CA GLU A 327 -8.83 4.04 -26.66
C GLU A 327 -9.05 2.54 -26.57
N TYR A 328 -8.27 1.89 -25.71
CA TYR A 328 -8.36 0.45 -25.50
C TYR A 328 -9.74 0.05 -24.98
N VAL A 329 -10.11 0.59 -23.81
CA VAL A 329 -11.41 0.30 -23.21
C VAL A 329 -12.54 0.90 -24.02
N GLN A 330 -12.26 1.99 -24.71
CA GLN A 330 -13.29 2.57 -25.55
C GLN A 330 -13.66 1.55 -26.64
N GLN A 331 -12.64 0.96 -27.26
CA GLN A 331 -12.83 -0.04 -28.32
C GLN A 331 -13.58 -1.26 -27.82
N LEU A 332 -13.02 -1.88 -26.79
CA LEU A 332 -13.59 -3.06 -26.17
C LEU A 332 -15.06 -2.88 -25.71
N SER A 333 -15.41 -1.72 -25.12
CA SER A 333 -16.78 -1.50 -24.63
C SER A 333 -17.71 -1.23 -25.79
N GLY A 334 -17.20 -0.52 -26.78
CA GLY A 334 -18.00 -0.18 -27.94
C GLY A 334 -19.09 0.80 -27.55
N TYR A 335 -18.87 1.53 -26.47
CA TYR A 335 -19.85 2.52 -26.00
C TYR A 335 -19.87 3.75 -26.87
N PHE A 336 -20.97 4.50 -26.80
CA PHE A 336 -21.10 5.76 -27.53
C PHE A 336 -20.69 6.87 -26.61
N LEU A 337 -20.73 6.57 -25.32
CA LEU A 337 -20.31 7.52 -24.29
C LEU A 337 -18.79 7.62 -24.48
N GLN A 338 -18.26 8.82 -24.55
CA GLN A 338 -16.85 8.99 -24.75
C GLN A 338 -16.12 8.95 -23.40
N LEU A 339 -15.55 7.78 -23.08
CA LEU A 339 -14.81 7.58 -21.83
C LEU A 339 -13.72 8.64 -21.67
N LYS A 340 -13.33 8.91 -20.44
CA LYS A 340 -12.36 9.94 -20.19
C LYS A 340 -11.44 9.62 -19.05
N PHE A 341 -10.17 10.01 -19.19
CA PHE A 341 -9.20 9.80 -18.14
C PHE A 341 -8.89 11.16 -17.50
N ASP A 342 -9.47 11.37 -16.33
CA ASP A 342 -9.32 12.60 -15.55
C ASP A 342 -9.31 12.15 -14.09
N PRO A 343 -8.13 11.95 -13.49
CA PRO A 343 -8.00 11.51 -12.10
C PRO A 343 -8.79 12.38 -11.16
N GLU A 344 -9.02 13.63 -11.55
CA GLU A 344 -9.74 14.58 -10.73
C GLU A 344 -11.22 14.30 -10.47
N LEU A 345 -11.88 13.49 -11.31
CA LEU A 345 -13.30 13.18 -11.12
C LEU A 345 -13.48 12.38 -9.83
N LEU A 346 -12.37 11.88 -9.30
CA LEU A 346 -12.38 11.09 -8.08
C LEU A 346 -11.91 11.84 -6.85
N PHE A 347 -11.42 13.06 -7.03
CA PHE A 347 -10.91 13.84 -5.92
C PHE A 347 -11.96 14.15 -4.84
N GLY A 348 -13.24 14.02 -5.17
CA GLY A 348 -14.25 14.27 -4.14
C GLY A 348 -14.77 12.98 -3.52
N ALA A 349 -14.52 11.86 -4.20
CA ALA A 349 -14.97 10.53 -3.77
C ALA A 349 -14.10 9.90 -2.69
N GLN A 350 -14.65 8.89 -2.03
CA GLN A 350 -13.89 8.18 -1.04
C GLN A 350 -13.36 7.03 -1.89
N PHE A 351 -12.08 7.08 -2.25
CA PHE A 351 -11.44 6.09 -3.10
C PHE A 351 -10.03 5.82 -2.53
N GLN A 352 -9.63 4.55 -2.45
CA GLN A 352 -8.30 4.19 -1.96
C GLN A 352 -7.33 3.99 -3.14
N TYR A 353 -6.27 4.78 -3.22
CA TYR A 353 -5.33 4.61 -4.32
C TYR A 353 -4.42 3.46 -3.97
N ARG A 354 -4.95 2.27 -4.10
CA ARG A 354 -4.20 1.04 -3.83
C ARG A 354 -4.84 -0.06 -4.71
N ASN A 355 -4.02 -0.97 -5.23
CA ASN A 355 -4.49 -2.07 -6.05
C ASN A 355 -3.76 -3.39 -5.76
N ARG A 356 -4.45 -4.51 -6.02
CA ARG A 356 -3.89 -5.86 -5.79
C ARG A 356 -4.50 -6.82 -6.83
N ILE A 357 -3.65 -7.41 -7.69
CA ILE A 357 -4.14 -8.32 -8.73
C ILE A 357 -4.81 -9.56 -8.15
N ALA A 358 -6.07 -9.74 -8.53
CA ALA A 358 -6.89 -10.89 -8.10
C ALA A 358 -6.71 -12.04 -9.05
N MET A 359 -6.76 -13.27 -8.53
CA MET A 359 -6.62 -14.45 -9.37
C MET A 359 -7.76 -14.55 -10.37
N GLU A 360 -8.96 -14.13 -9.98
CA GLU A 360 -10.11 -14.17 -10.88
C GLU A 360 -9.88 -13.31 -12.07
N PHE A 361 -9.17 -12.21 -11.89
CA PHE A 361 -8.86 -11.28 -12.97
C PHE A 361 -7.88 -11.91 -13.97
N ASN A 362 -6.98 -12.73 -13.45
CA ASN A 362 -6.02 -13.40 -14.29
C ASN A 362 -6.74 -14.43 -15.17
N GLN A 363 -7.67 -15.20 -14.61
CA GLN A 363 -8.44 -16.18 -15.38
C GLN A 363 -9.16 -15.47 -16.52
N LEU A 364 -10.02 -14.56 -16.12
CA LEU A 364 -10.84 -13.75 -17.01
C LEU A 364 -10.10 -13.12 -18.20
N TYR A 365 -8.87 -12.67 -17.99
CA TYR A 365 -8.06 -12.02 -19.03
C TYR A 365 -7.32 -13.00 -19.92
N HIS A 366 -7.76 -14.25 -19.97
CA HIS A 366 -7.14 -15.24 -20.86
C HIS A 366 -7.91 -15.17 -22.16
N TRP A 367 -7.78 -14.02 -22.83
CA TRP A 367 -8.46 -13.72 -24.08
C TRP A 367 -7.80 -14.34 -25.30
N HIS A 368 -7.35 -15.57 -25.16
CA HIS A 368 -6.68 -16.28 -26.25
C HIS A 368 -7.45 -16.40 -27.57
N PRO A 369 -8.81 -16.39 -27.52
CA PRO A 369 -9.58 -16.49 -28.76
C PRO A 369 -9.37 -15.29 -29.72
N LEU A 370 -8.66 -14.28 -29.26
CA LEU A 370 -8.39 -13.12 -30.08
C LEU A 370 -7.48 -13.49 -31.23
N MET A 371 -6.50 -14.35 -30.92
CA MET A 371 -5.49 -14.79 -31.88
C MET A 371 -6.12 -15.43 -33.09
N PRO A 372 -5.65 -15.06 -34.28
CA PRO A 372 -6.11 -15.54 -35.58
C PRO A 372 -5.57 -16.91 -35.96
N ASP A 373 -5.92 -17.34 -37.17
CA ASP A 373 -5.48 -18.62 -37.67
C ASP A 373 -4.08 -18.51 -38.22
N SER A 374 -3.73 -17.33 -38.70
CA SER A 374 -2.41 -17.05 -39.24
C SER A 374 -2.18 -15.55 -39.19
N PHE A 375 -0.97 -15.13 -39.54
CA PHE A 375 -0.59 -13.73 -39.47
C PHE A 375 -0.18 -13.19 -40.81
N ARG A 376 -1.07 -12.40 -41.39
CA ARG A 376 -0.83 -11.80 -42.69
C ARG A 376 -0.05 -10.51 -42.56
N VAL A 377 1.13 -10.49 -43.16
CA VAL A 377 1.91 -9.28 -43.17
C VAL A 377 2.10 -8.90 -44.63
N GLY A 378 1.10 -8.19 -45.14
CA GLY A 378 1.08 -7.76 -46.53
C GLY A 378 0.68 -8.95 -47.39
N PRO A 379 1.40 -9.12 -48.50
CA PRO A 379 1.13 -10.23 -49.42
C PRO A 379 1.50 -11.54 -48.74
N GLN A 380 2.44 -11.47 -47.80
CA GLN A 380 2.91 -12.62 -47.05
C GLN A 380 1.98 -13.03 -45.93
N ASP A 381 1.81 -14.34 -45.78
CA ASP A 381 0.95 -14.87 -44.76
C ASP A 381 1.77 -15.86 -43.95
N TYR A 382 2.00 -15.55 -42.67
CA TYR A 382 2.81 -16.40 -41.80
C TYR A 382 2.06 -17.30 -40.85
N SER A 383 2.55 -18.51 -40.69
CA SER A 383 1.91 -19.46 -39.80
C SER A 383 2.39 -19.27 -38.37
N TYR A 384 1.74 -19.96 -37.44
CA TYR A 384 2.14 -19.88 -36.06
C TYR A 384 3.55 -20.34 -35.98
N GLU A 385 3.86 -21.40 -36.71
CA GLU A 385 5.21 -21.94 -36.71
C GLU A 385 6.25 -21.00 -37.33
N GLN A 386 5.80 -20.06 -38.16
CA GLN A 386 6.67 -19.06 -38.76
C GLN A 386 6.73 -17.78 -37.91
N PHE A 387 5.64 -17.51 -37.18
CA PHE A 387 5.50 -16.33 -36.34
C PHE A 387 6.12 -16.55 -34.97
N LEU A 388 5.65 -17.56 -34.26
CA LEU A 388 6.18 -17.88 -32.92
C LEU A 388 7.68 -18.18 -32.88
N PHE A 389 8.35 -17.44 -31.99
CA PHE A 389 9.80 -17.50 -31.77
C PHE A 389 10.66 -16.85 -32.84
N ASN A 390 10.03 -16.36 -33.92
CA ASN A 390 10.73 -15.72 -35.02
C ASN A 390 11.53 -14.50 -34.52
N THR A 391 12.82 -14.70 -34.35
CA THR A 391 13.71 -13.67 -33.85
C THR A 391 14.06 -12.59 -34.85
N SER A 392 13.63 -12.74 -36.11
CA SER A 392 13.99 -11.75 -37.13
C SER A 392 12.91 -10.94 -37.82
N MET A 393 11.65 -11.31 -37.67
CA MET A 393 10.57 -10.61 -38.36
C MET A 393 10.42 -9.13 -38.07
N LEU A 394 10.72 -8.72 -36.84
CA LEU A 394 10.58 -7.32 -36.48
C LEU A 394 11.57 -6.40 -37.17
N VAL A 395 12.85 -6.78 -37.12
CA VAL A 395 13.93 -6.00 -37.72
C VAL A 395 13.86 -6.04 -39.24
N ASP A 396 13.29 -7.14 -39.75
CA ASP A 396 13.07 -7.33 -41.18
C ASP A 396 12.06 -6.31 -41.68
N TYR A 397 10.86 -6.29 -41.08
CA TYR A 397 9.77 -5.40 -41.47
C TYR A 397 9.79 -4.01 -40.86
N GLY A 398 10.29 -3.90 -39.63
CA GLY A 398 10.30 -2.62 -38.97
C GLY A 398 8.95 -2.33 -38.32
N VAL A 399 8.96 -1.39 -37.37
CA VAL A 399 7.75 -1.01 -36.63
C VAL A 399 6.56 -0.62 -37.50
N GLU A 400 6.76 0.33 -38.41
CA GLU A 400 5.67 0.79 -39.27
C GLU A 400 4.97 -0.35 -39.99
N ALA A 401 5.76 -1.21 -40.64
CA ALA A 401 5.23 -2.35 -41.42
C ALA A 401 4.36 -3.30 -40.62
N LEU A 402 4.80 -3.64 -39.41
CA LEU A 402 4.04 -4.53 -38.56
C LEU A 402 2.85 -3.83 -37.94
N VAL A 403 2.96 -2.56 -37.61
CA VAL A 403 1.83 -1.83 -37.01
C VAL A 403 0.66 -1.71 -37.97
N ASP A 404 0.98 -1.43 -39.23
CA ASP A 404 -0.03 -1.28 -40.26
C ASP A 404 -0.72 -2.62 -40.51
N ALA A 405 0.08 -3.68 -40.48
CA ALA A 405 -0.39 -5.04 -40.67
C ALA A 405 -1.36 -5.46 -39.58
N PHE A 406 -0.90 -5.44 -38.33
CA PHE A 406 -1.73 -5.84 -37.21
C PHE A 406 -2.96 -4.94 -37.14
N SER A 407 -2.82 -3.67 -37.50
CA SER A 407 -3.94 -2.71 -37.47
C SER A 407 -5.04 -2.99 -38.47
N ARG A 408 -4.70 -3.79 -39.48
CA ARG A 408 -5.66 -4.13 -40.52
C ARG A 408 -6.25 -5.51 -40.42
N GLN A 409 -5.55 -6.44 -39.78
CA GLN A 409 -6.07 -7.80 -39.64
C GLN A 409 -6.99 -7.96 -38.43
N PRO A 410 -8.21 -8.43 -38.66
CA PRO A 410 -9.16 -8.62 -37.57
C PRO A 410 -8.79 -9.70 -36.58
N ALA A 411 -9.17 -9.46 -35.35
CA ALA A 411 -8.94 -10.38 -34.24
C ALA A 411 -10.27 -11.14 -34.08
N GLY A 412 -10.20 -12.32 -33.47
CA GLY A 412 -11.39 -13.15 -33.29
C GLY A 412 -12.25 -12.80 -32.10
N ARG A 413 -13.50 -13.26 -32.13
CA ARG A 413 -14.44 -13.00 -31.03
C ARG A 413 -13.91 -13.68 -29.77
N ILE A 414 -14.20 -13.09 -28.62
CA ILE A 414 -13.76 -13.65 -27.36
C ILE A 414 -14.86 -14.54 -26.76
N GLY A 415 -16.04 -13.96 -26.55
CA GLY A 415 -17.13 -14.74 -25.99
C GLY A 415 -17.78 -15.56 -27.09
N GLY A 416 -18.63 -16.50 -26.72
CA GLY A 416 -19.28 -17.27 -27.77
C GLY A 416 -19.03 -18.77 -27.79
N GLY A 417 -17.77 -19.20 -27.65
CA GLY A 417 -17.45 -20.63 -27.65
C GLY A 417 -16.79 -21.12 -28.93
N ARG A 418 -16.05 -22.19 -28.82
CA ARG A 418 -15.38 -22.83 -29.96
C ARG A 418 -14.61 -21.87 -30.92
N ASN A 419 -13.87 -20.90 -30.38
CA ASN A 419 -13.09 -19.95 -31.21
C ASN A 419 -11.60 -19.79 -30.81
N ILE A 420 -11.04 -20.78 -30.09
CA ILE A 420 -9.62 -20.75 -29.72
C ILE A 420 -8.84 -21.61 -30.70
N ASP A 421 -7.93 -21.00 -31.46
CA ASP A 421 -7.11 -21.76 -32.43
C ASP A 421 -6.40 -22.98 -31.77
N HIS A 422 -6.38 -24.10 -32.46
CA HIS A 422 -5.77 -25.31 -31.93
C HIS A 422 -4.34 -25.20 -31.42
N HIS A 423 -3.54 -24.28 -31.97
CA HIS A 423 -2.14 -24.07 -31.55
C HIS A 423 -1.95 -23.63 -30.09
N ILE A 424 -2.91 -22.89 -29.55
CA ILE A 424 -2.79 -22.44 -28.18
C ILE A 424 -3.89 -22.94 -27.26
N LEU A 425 -4.67 -23.92 -27.72
CA LEU A 425 -5.76 -24.49 -26.92
C LEU A 425 -5.26 -25.10 -25.60
N HIS A 426 -3.97 -25.43 -25.51
CA HIS A 426 -3.41 -25.99 -24.28
C HIS A 426 -3.49 -25.03 -23.11
N VAL A 427 -3.35 -23.75 -23.40
CA VAL A 427 -3.40 -22.71 -22.39
C VAL A 427 -4.77 -22.76 -21.69
N ALA A 428 -5.84 -22.83 -22.47
CA ALA A 428 -7.19 -22.90 -21.89
C ALA A 428 -7.39 -24.13 -21.03
N VAL A 429 -6.74 -25.22 -21.41
CA VAL A 429 -6.82 -26.47 -20.64
C VAL A 429 -6.19 -26.23 -19.30
N ASP A 430 -5.02 -25.61 -19.32
CA ASP A 430 -4.28 -25.31 -18.12
C ASP A 430 -5.04 -24.36 -17.22
N VAL A 431 -5.69 -23.37 -17.82
CA VAL A 431 -6.47 -22.39 -17.05
C VAL A 431 -7.56 -23.07 -16.23
N ILE A 432 -8.20 -24.05 -16.85
CA ILE A 432 -9.27 -24.78 -16.19
C ILE A 432 -8.70 -25.62 -15.05
N LYS A 433 -7.56 -26.25 -15.29
CA LYS A 433 -6.96 -27.08 -14.27
C LYS A 433 -6.48 -26.27 -13.07
N GLU A 434 -5.97 -25.08 -13.33
CA GLU A 434 -5.47 -24.17 -12.31
C GLU A 434 -6.61 -23.64 -11.47
N SER A 435 -7.72 -23.35 -12.14
CA SER A 435 -8.93 -22.87 -11.48
C SER A 435 -9.31 -23.85 -10.37
N ARG A 436 -9.10 -25.13 -10.64
CA ARG A 436 -9.45 -26.17 -9.69
C ARG A 436 -8.44 -26.32 -8.56
N VAL A 437 -7.18 -25.96 -8.83
CA VAL A 437 -6.13 -26.00 -7.82
C VAL A 437 -6.46 -24.87 -6.84
N LEU A 438 -6.76 -23.70 -7.41
CA LEU A 438 -7.13 -22.52 -6.66
C LEU A 438 -8.50 -22.74 -6.01
N ARG A 439 -9.23 -23.76 -6.46
CA ARG A 439 -10.56 -24.09 -5.94
C ARG A 439 -11.51 -22.90 -6.00
N LEU A 440 -11.56 -22.25 -7.16
CA LEU A 440 -12.42 -21.09 -7.38
C LEU A 440 -13.84 -21.55 -7.22
N GLN A 441 -14.69 -20.66 -6.75
CA GLN A 441 -16.11 -20.98 -6.57
C GLN A 441 -16.83 -21.03 -7.92
N PRO A 442 -18.06 -21.56 -7.93
CA PRO A 442 -18.84 -21.67 -9.17
C PRO A 442 -19.11 -20.35 -9.84
N PHE A 443 -19.24 -20.39 -11.15
CA PHE A 443 -19.53 -19.22 -11.96
C PHE A 443 -20.74 -18.48 -11.41
N ASN A 444 -21.78 -19.21 -11.04
CA ASN A 444 -22.98 -18.56 -10.53
C ASN A 444 -22.78 -17.74 -9.25
N GLU A 445 -21.82 -18.14 -8.42
CA GLU A 445 -21.53 -17.43 -7.19
C GLU A 445 -20.91 -16.08 -7.52
N TYR A 446 -19.98 -16.08 -8.47
CA TYR A 446 -19.36 -14.85 -8.90
C TYR A 446 -20.37 -13.96 -9.61
N ARG A 447 -21.38 -14.57 -10.24
CA ARG A 447 -22.38 -13.79 -10.92
C ARG A 447 -23.05 -12.92 -9.91
N LYS A 448 -23.48 -13.55 -8.84
CA LYS A 448 -24.14 -12.85 -7.77
C LYS A 448 -23.20 -11.85 -7.15
N ARG A 449 -21.99 -12.28 -6.84
CA ARG A 449 -20.98 -11.44 -6.22
C ARG A 449 -20.76 -10.13 -6.99
N PHE A 450 -20.93 -10.18 -8.31
CA PHE A 450 -20.76 -8.97 -9.10
C PHE A 450 -22.07 -8.31 -9.51
N GLY A 451 -23.07 -8.53 -8.67
CA GLY A 451 -24.37 -7.93 -8.85
C GLY A 451 -25.29 -8.46 -9.92
N MET A 452 -25.11 -9.72 -10.31
CA MET A 452 -25.96 -10.28 -11.33
C MET A 452 -26.75 -11.43 -10.75
N LYS A 453 -27.83 -11.81 -11.43
CA LYS A 453 -28.65 -12.93 -10.99
C LYS A 453 -28.01 -14.16 -11.60
N PRO A 454 -27.97 -15.25 -10.85
CA PRO A 454 -27.38 -16.49 -11.35
C PRO A 454 -28.22 -17.14 -12.44
N TYR A 455 -27.56 -17.87 -13.33
CA TYR A 455 -28.25 -18.57 -14.41
C TYR A 455 -29.05 -19.71 -13.82
N THR A 456 -30.21 -19.93 -14.40
CA THR A 456 -31.11 -20.96 -13.96
C THR A 456 -31.04 -22.20 -14.81
N SER A 457 -30.39 -22.12 -15.98
CA SER A 457 -30.25 -23.26 -16.89
C SER A 457 -29.07 -23.09 -17.79
N PHE A 458 -28.56 -24.20 -18.34
CA PHE A 458 -27.44 -24.09 -19.24
C PHE A 458 -27.82 -23.35 -20.51
N GLN A 459 -29.07 -23.45 -20.89
CA GLN A 459 -29.56 -22.78 -22.10
C GLN A 459 -29.63 -21.27 -21.90
N GLU A 460 -30.04 -20.84 -20.70
CA GLU A 460 -30.13 -19.42 -20.40
C GLU A 460 -28.75 -18.80 -20.53
N LEU A 461 -27.75 -19.57 -20.18
CA LEU A 461 -26.39 -19.13 -20.26
C LEU A 461 -25.94 -19.03 -21.71
N THR A 462 -25.95 -20.16 -22.43
CA THR A 462 -25.47 -20.22 -23.82
C THR A 462 -26.33 -19.51 -24.85
N GLY A 463 -27.61 -19.38 -24.54
CA GLY A 463 -28.54 -18.76 -25.46
C GLY A 463 -28.94 -19.71 -26.58
N GLU A 464 -28.59 -20.98 -26.46
CA GLU A 464 -28.90 -21.98 -27.47
C GLU A 464 -29.19 -23.33 -26.82
N LYS A 465 -29.38 -24.37 -27.64
CA LYS A 465 -29.71 -25.70 -27.12
C LYS A 465 -28.70 -26.84 -27.29
N GLU A 466 -27.87 -26.82 -28.32
CA GLU A 466 -26.89 -27.88 -28.52
C GLU A 466 -25.85 -27.97 -27.42
N MET A 467 -25.01 -26.96 -27.31
CA MET A 467 -23.95 -26.92 -26.31
C MET A 467 -24.53 -27.00 -24.93
N ALA A 468 -25.57 -26.20 -24.68
CA ALA A 468 -26.22 -26.14 -23.39
C ALA A 468 -26.51 -27.53 -22.84
N ALA A 469 -27.15 -28.34 -23.66
CA ALA A 469 -27.51 -29.69 -23.29
C ALA A 469 -26.31 -30.58 -22.97
N GLU A 470 -25.22 -30.41 -23.71
CA GLU A 470 -24.06 -31.25 -23.43
C GLU A 470 -23.36 -30.80 -22.17
N LEU A 471 -23.28 -29.48 -21.99
CA LEU A 471 -22.68 -28.88 -20.80
C LEU A 471 -23.45 -29.41 -19.62
N GLU A 472 -24.77 -29.43 -19.75
CA GLU A 472 -25.64 -29.91 -18.70
C GLU A 472 -25.39 -31.34 -18.33
N GLU A 473 -25.19 -32.18 -19.33
CA GLU A 473 -24.97 -33.58 -19.05
C GLU A 473 -23.58 -33.80 -18.46
N LEU A 474 -22.70 -32.81 -18.62
CA LEU A 474 -21.34 -32.86 -18.10
C LEU A 474 -21.21 -32.30 -16.68
N TYR A 475 -21.79 -31.14 -16.46
CA TYR A 475 -21.72 -30.50 -15.17
C TYR A 475 -22.73 -31.01 -14.19
N GLY A 476 -23.87 -31.38 -14.70
CA GLY A 476 -24.92 -31.88 -13.83
C GLY A 476 -25.78 -30.76 -13.34
N ASP A 477 -25.18 -29.67 -12.86
CA ASP A 477 -25.94 -28.54 -12.34
C ASP A 477 -25.35 -27.26 -12.87
N ILE A 478 -26.18 -26.28 -13.20
CA ILE A 478 -25.68 -25.00 -13.67
C ILE A 478 -24.89 -24.36 -12.52
N ASP A 479 -25.34 -24.65 -11.30
CA ASP A 479 -24.71 -24.17 -10.09
C ASP A 479 -23.40 -24.87 -9.83
N ALA A 480 -22.92 -25.64 -10.80
CA ALA A 480 -21.63 -26.29 -10.68
C ALA A 480 -20.73 -25.86 -11.83
N LEU A 481 -21.24 -25.01 -12.72
CA LEU A 481 -20.48 -24.52 -13.86
C LEU A 481 -19.31 -23.66 -13.34
N GLU A 482 -18.11 -23.98 -13.81
CA GLU A 482 -16.89 -23.30 -13.42
C GLU A 482 -16.73 -21.89 -13.97
N PHE A 483 -15.96 -21.08 -13.26
CA PHE A 483 -15.72 -19.67 -13.57
C PHE A 483 -15.31 -19.34 -14.99
N TYR A 484 -14.18 -19.88 -15.42
CA TYR A 484 -13.67 -19.61 -16.77
C TYR A 484 -14.60 -20.10 -17.89
N PRO A 485 -14.97 -21.42 -17.90
CA PRO A 485 -15.85 -21.94 -18.95
C PRO A 485 -17.12 -21.12 -19.04
N GLY A 486 -17.71 -20.82 -17.89
CA GLY A 486 -18.90 -20.01 -17.84
C GLY A 486 -18.70 -18.68 -18.54
N LEU A 487 -17.58 -18.02 -18.31
CA LEU A 487 -17.29 -16.71 -18.96
C LEU A 487 -17.20 -16.75 -20.49
N LEU A 488 -16.48 -17.74 -21.01
CA LEU A 488 -16.28 -17.93 -22.44
C LEU A 488 -17.45 -18.56 -23.20
N LEU A 489 -18.24 -19.41 -22.53
CA LEU A 489 -19.38 -20.07 -23.15
C LEU A 489 -20.67 -19.28 -23.06
N GLU A 490 -20.70 -18.27 -22.20
CA GLU A 490 -21.88 -17.40 -22.05
C GLU A 490 -22.14 -16.59 -23.33
N LYS A 491 -23.42 -16.45 -23.67
CA LYS A 491 -23.81 -15.72 -24.87
C LYS A 491 -23.37 -14.27 -24.91
N CYS A 492 -22.87 -13.87 -26.07
CA CYS A 492 -22.43 -12.51 -26.27
C CYS A 492 -23.58 -11.53 -26.37
N HIS A 493 -23.30 -10.27 -26.04
CA HIS A 493 -24.28 -9.22 -26.20
C HIS A 493 -24.33 -9.16 -27.73
N PRO A 494 -25.43 -8.66 -28.31
CA PRO A 494 -25.57 -8.56 -29.76
C PRO A 494 -24.41 -7.84 -30.41
N ASN A 495 -23.82 -8.44 -31.44
CA ASN A 495 -22.71 -7.82 -32.15
C ASN A 495 -21.55 -7.42 -31.25
N SER A 496 -21.45 -8.05 -30.08
CA SER A 496 -20.38 -7.73 -29.15
C SER A 496 -19.28 -8.77 -29.20
N ILE A 497 -18.13 -8.43 -28.64
CA ILE A 497 -16.97 -9.31 -28.62
C ILE A 497 -17.10 -10.37 -27.52
N PHE A 498 -17.93 -10.08 -26.52
CA PHE A 498 -18.19 -10.98 -25.43
C PHE A 498 -19.51 -10.64 -24.77
N GLY A 499 -19.89 -11.43 -23.78
CA GLY A 499 -21.14 -11.22 -23.09
C GLY A 499 -21.11 -10.41 -21.80
N GLU A 500 -22.28 -10.28 -21.22
CA GLU A 500 -22.53 -9.55 -19.98
C GLU A 500 -21.51 -9.74 -18.85
N SER A 501 -21.24 -10.99 -18.47
CA SER A 501 -20.32 -11.27 -17.37
C SER A 501 -18.90 -10.72 -17.50
N MET A 502 -18.31 -10.85 -18.67
CA MET A 502 -16.94 -10.37 -18.91
C MET A 502 -16.85 -8.89 -18.59
N ILE A 503 -17.90 -8.14 -18.90
CA ILE A 503 -17.94 -6.70 -18.62
C ILE A 503 -18.21 -6.46 -17.16
N GLU A 504 -19.33 -6.95 -16.65
CA GLU A 504 -19.71 -6.78 -15.26
C GLU A 504 -18.67 -7.25 -14.23
N MET A 505 -17.86 -8.25 -14.57
CA MET A 505 -16.83 -8.76 -13.67
C MET A 505 -15.46 -8.17 -13.96
N GLY A 506 -15.14 -8.01 -15.24
CA GLY A 506 -13.85 -7.46 -15.61
C GLY A 506 -13.72 -5.98 -15.41
N ALA A 507 -14.77 -5.20 -15.66
CA ALA A 507 -14.68 -3.76 -15.49
C ALA A 507 -14.23 -3.30 -14.10
N PRO A 508 -14.87 -3.78 -12.99
CA PRO A 508 -14.47 -3.38 -11.64
C PRO A 508 -12.99 -3.62 -11.41
N PHE A 509 -12.54 -4.83 -11.69
CA PHE A 509 -11.13 -5.18 -11.57
C PHE A 509 -10.27 -4.20 -12.37
N SER A 510 -10.69 -3.90 -13.61
CA SER A 510 -9.99 -3.00 -14.52
C SER A 510 -9.92 -1.54 -14.14
N LEU A 511 -11.07 -0.95 -13.86
CA LEU A 511 -11.15 0.46 -13.49
C LEU A 511 -10.44 0.74 -12.18
N LYS A 512 -10.58 -0.16 -11.22
CA LYS A 512 -9.89 0.00 -9.95
C LYS A 512 -8.36 0.00 -10.14
N GLY A 513 -7.87 -0.90 -10.98
CA GLY A 513 -6.45 -1.02 -11.24
C GLY A 513 -5.85 0.13 -12.00
N LEU A 514 -6.68 0.88 -12.72
CA LEU A 514 -6.19 2.02 -13.47
C LEU A 514 -6.26 3.24 -12.57
N LEU A 515 -7.40 3.49 -11.94
CA LEU A 515 -7.57 4.66 -11.06
C LEU A 515 -6.92 4.49 -9.69
N GLY A 516 -6.66 3.26 -9.28
CA GLY A 516 -6.02 3.04 -8.01
C GLY A 516 -4.52 3.24 -8.04
N ASN A 517 -3.98 3.71 -9.17
CA ASN A 517 -2.52 3.94 -9.32
C ASN A 517 -2.15 5.20 -8.50
N PRO A 518 -1.03 5.17 -7.76
CA PRO A 518 -0.70 6.36 -6.99
C PRO A 518 -0.60 7.65 -7.77
N ILE A 519 -0.25 7.63 -9.06
CA ILE A 519 -0.17 8.88 -9.83
C ILE A 519 -1.53 9.50 -10.02
N CYS A 520 -2.59 8.75 -9.74
CA CYS A 520 -3.95 9.28 -9.87
C CYS A 520 -4.44 9.98 -8.62
N SER A 521 -3.70 9.83 -7.52
CA SER A 521 -4.05 10.47 -6.26
C SER A 521 -3.75 11.95 -6.39
N PRO A 522 -4.44 12.79 -5.62
CA PRO A 522 -4.25 14.24 -5.65
C PRO A 522 -2.82 14.58 -5.26
N GLU A 523 -2.24 13.74 -4.40
CA GLU A 523 -0.88 13.91 -3.93
C GLU A 523 0.12 13.91 -5.06
N TYR A 524 -0.11 13.09 -6.06
CA TYR A 524 0.79 12.99 -7.20
C TYR A 524 0.36 13.73 -8.48
N TRP A 525 -0.95 13.82 -8.71
CA TRP A 525 -1.49 14.48 -9.90
C TRP A 525 -1.23 15.99 -9.85
N LYS A 526 0.03 16.35 -10.10
CA LYS A 526 0.51 17.72 -10.08
C LYS A 526 1.45 17.81 -11.22
N ALA A 527 1.51 18.97 -11.86
CA ALA A 527 2.40 19.13 -12.98
C ALA A 527 3.84 18.87 -12.58
N SER A 528 4.24 19.24 -11.36
CA SER A 528 5.62 19.04 -10.94
C SER A 528 6.03 17.57 -10.91
N THR A 529 5.06 16.69 -10.67
CA THR A 529 5.29 15.24 -10.59
C THR A 529 5.85 14.71 -11.91
N PHE A 530 5.48 15.39 -13.00
CA PHE A 530 5.89 15.03 -14.35
C PHE A 530 7.00 15.89 -14.94
N GLY A 531 7.48 16.84 -14.16
CA GLY A 531 8.55 17.70 -14.63
C GLY A 531 8.11 19.03 -15.22
N GLY A 532 6.84 19.39 -15.02
CA GLY A 532 6.36 20.66 -15.55
C GLY A 532 5.17 20.43 -16.44
N GLU A 533 4.66 21.47 -17.07
CA GLU A 533 3.51 21.36 -17.98
C GLU A 533 3.81 20.42 -19.12
N VAL A 534 5.03 20.49 -19.61
CA VAL A 534 5.49 19.65 -20.71
C VAL A 534 5.21 18.17 -20.46
N GLY A 535 5.82 17.62 -19.41
CA GLY A 535 5.59 16.22 -19.11
C GLY A 535 4.12 15.96 -18.79
N PHE A 536 3.49 16.92 -18.12
CA PHE A 536 2.10 16.79 -17.75
C PHE A 536 1.17 16.68 -18.91
N ASN A 537 1.46 17.41 -19.97
CA ASN A 537 0.59 17.35 -21.13
C ASN A 537 0.82 16.12 -21.94
N LEU A 538 2.06 15.62 -21.92
CA LEU A 538 2.42 14.38 -22.62
C LEU A 538 1.43 13.32 -22.14
N VAL A 539 1.21 13.31 -20.83
CA VAL A 539 0.28 12.39 -20.20
C VAL A 539 -1.13 12.74 -20.63
N LYS A 540 -1.51 13.97 -20.35
CA LYS A 540 -2.85 14.46 -20.67
C LYS A 540 -3.30 14.34 -22.10
N THR A 541 -2.36 14.21 -23.04
CA THR A 541 -2.75 14.14 -24.43
C THR A 541 -2.33 12.87 -25.17
N ALA A 542 -1.81 11.90 -24.42
CA ALA A 542 -1.36 10.63 -24.98
C ALA A 542 -2.39 10.05 -25.91
N THR A 543 -1.90 9.45 -26.98
CA THR A 543 -2.74 8.86 -28.01
C THR A 543 -1.97 7.76 -28.70
N LEU A 544 -2.68 6.68 -29.08
CA LEU A 544 -2.05 5.55 -29.75
C LEU A 544 -1.27 5.94 -31.01
N LYS A 545 -1.87 6.78 -31.85
CA LYS A 545 -1.21 7.26 -33.06
C LYS A 545 0.09 8.02 -32.73
N LYS A 546 0.03 8.93 -31.77
CA LYS A 546 1.19 9.71 -31.35
C LYS A 546 2.28 8.81 -30.81
N LEU A 547 1.86 7.82 -30.02
CA LEU A 547 2.77 6.86 -29.42
C LEU A 547 3.60 6.18 -30.48
N VAL A 548 2.93 5.74 -31.54
CA VAL A 548 3.60 5.05 -32.63
C VAL A 548 4.33 6.01 -33.52
N CYS A 549 3.54 6.89 -34.12
CA CYS A 549 4.03 7.84 -35.08
C CYS A 549 5.09 8.83 -34.70
N LEU A 550 5.14 9.28 -33.46
CA LEU A 550 6.21 10.20 -33.08
C LEU A 550 7.49 9.41 -32.91
N ASN A 551 7.40 8.09 -33.06
CA ASN A 551 8.54 7.22 -32.86
C ASN A 551 8.87 6.37 -34.09
N THR A 552 8.31 6.73 -35.26
CA THR A 552 8.55 5.98 -36.49
C THR A 552 8.74 6.90 -37.69
N LYS A 553 9.70 6.57 -38.56
CA LYS A 553 10.01 7.35 -39.77
C LYS A 553 8.79 7.77 -40.55
N THR A 554 7.78 6.90 -40.58
CA THR A 554 6.53 7.22 -41.26
C THR A 554 5.42 6.80 -40.31
N CYS A 555 4.21 7.21 -40.64
CA CYS A 555 3.08 6.88 -39.80
C CYS A 555 2.09 6.01 -40.58
N PRO A 556 1.98 4.73 -40.22
CA PRO A 556 1.09 3.74 -40.82
C PRO A 556 -0.34 3.86 -40.33
N TYR A 557 -1.19 2.98 -40.83
CA TYR A 557 -2.57 2.93 -40.36
C TYR A 557 -2.38 2.39 -38.96
N VAL A 558 -2.69 3.19 -37.95
CA VAL A 558 -2.52 2.74 -36.58
C VAL A 558 -3.84 2.92 -35.83
N SER A 559 -4.42 1.81 -35.38
CA SER A 559 -5.70 1.83 -34.67
C SER A 559 -6.03 0.50 -33.97
N PHE A 560 -7.01 0.52 -33.06
CA PHE A 560 -7.47 -0.67 -32.35
C PHE A 560 -8.66 -1.25 -33.11
N HIS A 561 -9.17 -0.45 -34.06
CA HIS A 561 -10.29 -0.83 -34.89
C HIS A 561 -9.66 -1.14 -36.24
N VAL A 562 -10.19 -2.17 -36.87
CA VAL A 562 -9.75 -2.57 -38.19
C VAL A 562 -10.34 -1.49 -39.07
N PRO A 563 -9.62 -1.05 -40.11
CA PRO A 563 -10.14 0.00 -41.00
C PRO A 563 -11.58 -0.21 -41.51
N ALA B 11 28.15 28.16 -10.82
CA ALA B 11 28.20 29.57 -10.29
C ALA B 11 26.83 30.10 -9.76
N PRO B 12 25.72 29.86 -10.49
CA PRO B 12 24.42 30.34 -10.00
C PRO B 12 23.98 29.47 -8.80
N VAL B 13 23.61 30.12 -7.69
CA VAL B 13 23.17 29.40 -6.49
C VAL B 13 21.82 28.73 -6.75
N ASN B 14 21.72 27.45 -6.40
CA ASN B 14 20.48 26.71 -6.58
C ASN B 14 19.35 27.53 -5.93
N PRO B 15 18.44 28.07 -6.76
CA PRO B 15 17.32 28.90 -6.30
C PRO B 15 16.44 28.25 -5.25
N CYS B 16 16.48 26.93 -5.20
CA CYS B 16 15.67 26.19 -4.23
C CYS B 16 16.34 26.10 -2.87
N CYS B 17 17.56 26.60 -2.75
CA CYS B 17 18.22 26.62 -1.47
C CYS B 17 17.56 27.71 -0.63
N TYR B 18 16.90 28.65 -1.29
CA TYR B 18 16.22 29.71 -0.58
C TYR B 18 14.87 29.27 -0.09
N TYR B 19 14.52 28.01 -0.37
CA TYR B 19 13.21 27.46 0.01
C TYR B 19 12.16 28.48 -0.43
N PRO B 20 12.18 28.91 -1.72
CA PRO B 20 11.21 29.90 -2.18
C PRO B 20 9.71 29.61 -2.06
N CYS B 21 9.29 28.39 -2.39
CA CYS B 21 7.88 28.03 -2.37
C CYS B 21 7.21 27.81 -1.01
N GLN B 22 6.28 28.70 -0.65
CA GLN B 22 5.56 28.63 0.61
C GLN B 22 4.37 27.67 0.55
N HIS B 23 3.80 27.38 1.71
CA HIS B 23 2.61 26.54 1.83
C HIS B 23 2.55 25.22 1.08
N GLN B 24 3.64 24.46 1.17
CA GLN B 24 3.75 23.16 0.55
C GLN B 24 3.90 23.16 -0.99
N GLY B 25 4.11 24.33 -1.59
CA GLY B 25 4.30 24.41 -3.02
C GLY B 25 5.63 23.75 -3.36
N ILE B 26 5.74 23.09 -4.51
CA ILE B 26 6.98 22.41 -4.89
C ILE B 26 7.94 23.23 -5.74
N CYS B 27 9.19 23.30 -5.31
CA CYS B 27 10.21 24.06 -6.03
C CYS B 27 10.84 23.22 -7.11
N VAL B 28 10.46 23.46 -8.35
CA VAL B 28 11.04 22.73 -9.47
C VAL B 28 12.07 23.64 -10.12
N ARG B 29 13.27 23.10 -10.35
CA ARG B 29 14.33 23.84 -10.98
C ARG B 29 14.21 23.79 -12.50
N PHE B 30 14.30 24.94 -13.14
CA PHE B 30 14.20 25.00 -14.59
C PHE B 30 15.42 25.71 -15.16
N GLY B 31 15.83 25.33 -16.36
CA GLY B 31 17.00 25.95 -16.94
C GLY B 31 18.18 25.77 -16.01
N LEU B 32 19.17 26.64 -16.16
CA LEU B 32 20.38 26.57 -15.36
C LEU B 32 20.31 27.43 -14.12
N ASP B 33 19.39 28.37 -14.15
CA ASP B 33 19.27 29.32 -13.08
C ASP B 33 17.84 29.59 -12.58
N ARG B 34 16.80 29.09 -13.26
CA ARG B 34 15.43 29.35 -12.81
C ARG B 34 14.84 28.27 -11.90
N TYR B 35 13.63 28.52 -11.42
CA TYR B 35 12.91 27.58 -10.57
C TYR B 35 11.45 27.96 -10.71
N GLN B 36 10.57 27.06 -10.31
CA GLN B 36 9.14 27.28 -10.36
C GLN B 36 8.51 26.59 -9.20
N CYS B 37 7.51 27.22 -8.62
CA CYS B 37 6.80 26.64 -7.49
C CYS B 37 5.52 26.01 -7.97
N ASP B 38 5.33 24.74 -7.64
CA ASP B 38 4.11 24.05 -7.98
C ASP B 38 3.18 24.23 -6.77
N CYS B 39 2.28 25.20 -6.88
CA CYS B 39 1.36 25.49 -5.79
C CYS B 39 0.04 24.77 -5.96
N THR B 40 0.03 23.74 -6.80
CA THR B 40 -1.19 22.98 -7.08
C THR B 40 -1.85 22.54 -5.78
N ARG B 41 -3.09 22.97 -5.59
CA ARG B 41 -3.88 22.66 -4.40
C ARG B 41 -3.27 23.08 -3.08
N THR B 42 -2.53 24.19 -3.03
CA THR B 42 -1.94 24.66 -1.77
C THR B 42 -2.87 25.69 -1.13
N GLY B 43 -3.84 26.17 -1.92
CA GLY B 43 -4.75 27.18 -1.42
C GLY B 43 -4.07 28.53 -1.53
N TYR B 44 -2.94 28.55 -2.24
CA TYR B 44 -2.17 29.76 -2.47
C TYR B 44 -1.74 29.81 -3.92
N SER B 45 -1.68 31.03 -4.45
CA SER B 45 -1.27 31.25 -5.83
C SER B 45 -0.07 32.14 -5.76
N GLY B 46 0.42 32.55 -6.92
CA GLY B 46 1.61 33.40 -6.95
C GLY B 46 2.88 32.61 -7.23
N PRO B 47 4.00 33.29 -7.49
CA PRO B 47 5.29 32.68 -7.78
C PRO B 47 5.81 31.80 -6.66
N ASN B 48 5.60 32.22 -5.41
CA ASN B 48 6.11 31.46 -4.25
C ASN B 48 5.02 30.82 -3.40
N CYS B 49 3.81 30.70 -3.95
CA CYS B 49 2.68 30.08 -3.25
C CYS B 49 2.39 30.90 -2.01
N THR B 50 2.19 32.18 -2.24
CA THR B 50 1.97 33.11 -1.16
C THR B 50 0.65 33.83 -1.11
N ILE B 51 -0.05 33.89 -2.24
CA ILE B 51 -1.33 34.55 -2.29
C ILE B 51 -2.44 33.58 -1.98
N PRO B 52 -3.05 33.69 -0.82
CA PRO B 52 -4.15 32.82 -0.38
C PRO B 52 -5.47 33.10 -1.07
N GLU B 53 -6.37 32.12 -1.04
CA GLU B 53 -7.70 32.26 -1.62
C GLU B 53 -8.57 32.73 -0.48
N ILE B 54 -9.66 33.43 -0.78
CA ILE B 54 -10.52 33.97 0.29
C ILE B 54 -10.78 33.00 1.43
N TRP B 55 -11.04 31.75 1.10
CA TRP B 55 -11.31 30.79 2.14
C TRP B 55 -10.04 30.43 2.90
N THR B 56 -8.93 30.26 2.20
CA THR B 56 -7.68 29.93 2.86
C THR B 56 -7.34 31.08 3.80
N TRP B 57 -7.66 32.30 3.36
CA TRP B 57 -7.36 33.45 4.17
C TRP B 57 -8.14 33.42 5.44
N LEU B 58 -9.43 33.21 5.32
CA LEU B 58 -10.25 33.18 6.52
C LEU B 58 -9.73 32.11 7.45
N ARG B 59 -9.74 30.88 6.97
CA ARG B 59 -9.30 29.75 7.76
C ARG B 59 -8.03 30.04 8.56
N THR B 60 -6.99 30.54 7.92
CA THR B 60 -5.75 30.81 8.64
C THR B 60 -5.90 31.95 9.63
N THR B 61 -6.48 33.05 9.17
CA THR B 61 -6.65 34.20 10.04
C THR B 61 -7.62 33.95 11.18
N LEU B 62 -8.34 32.84 11.16
CA LEU B 62 -9.27 32.58 12.24
C LEU B 62 -8.82 31.43 13.10
N ARG B 63 -7.65 30.89 12.80
CA ARG B 63 -7.17 29.74 13.55
C ARG B 63 -6.42 30.15 14.80
N PRO B 64 -6.95 29.80 15.98
CA PRO B 64 -6.33 30.11 17.27
C PRO B 64 -5.03 29.37 17.39
N SER B 65 -4.06 29.97 18.05
CA SER B 65 -2.77 29.34 18.17
C SER B 65 -2.79 28.00 18.89
N PRO B 66 -1.75 27.19 18.65
CA PRO B 66 -1.51 25.87 19.21
C PRO B 66 -1.54 25.95 20.72
N SER B 67 -0.95 27.03 21.19
CA SER B 67 -0.85 27.32 22.61
C SER B 67 -2.23 27.61 23.18
N PHE B 68 -3.06 28.35 22.45
CA PHE B 68 -4.41 28.65 22.93
C PHE B 68 -5.22 27.38 23.04
N ILE B 69 -5.13 26.56 22.00
CA ILE B 69 -5.84 25.32 21.97
C ILE B 69 -5.40 24.46 23.13
N HIS B 70 -4.09 24.28 23.27
CA HIS B 70 -3.53 23.45 24.34
C HIS B 70 -4.06 23.83 25.70
N PHE B 71 -4.30 25.12 25.87
CA PHE B 71 -4.81 25.66 27.11
C PHE B 71 -6.20 25.13 27.42
N LEU B 72 -7.11 25.38 26.50
CA LEU B 72 -8.48 24.95 26.60
C LEU B 72 -8.58 23.45 26.84
N LEU B 73 -7.71 22.68 26.19
CA LEU B 73 -7.75 21.23 26.32
C LEU B 73 -7.29 20.70 27.65
N THR B 74 -6.52 21.50 28.37
CA THR B 74 -5.98 21.10 29.67
C THR B 74 -6.62 21.88 30.82
N HIS B 75 -7.73 22.55 30.54
CA HIS B 75 -8.40 23.33 31.56
C HIS B 75 -9.89 23.16 31.54
N GLY B 76 -10.54 23.46 32.67
CA GLY B 76 -11.99 23.36 32.78
C GLY B 76 -12.48 21.95 32.90
N ARG B 77 -11.82 21.15 33.71
CA ARG B 77 -12.19 19.74 33.89
C ARG B 77 -13.69 19.53 33.91
N TRP B 78 -14.39 20.27 34.75
CA TRP B 78 -15.85 20.16 34.90
C TRP B 78 -16.52 20.37 33.59
N LEU B 79 -15.99 21.26 32.78
CA LEU B 79 -16.59 21.46 31.50
C LEU B 79 -16.24 20.25 30.62
N TRP B 80 -15.01 19.77 30.71
CA TRP B 80 -14.65 18.60 29.91
C TRP B 80 -15.41 17.38 30.29
N ASP B 81 -15.79 17.30 31.56
CA ASP B 81 -16.58 16.20 32.10
C ASP B 81 -17.94 16.07 31.47
N PHE B 82 -18.58 17.20 31.23
CA PHE B 82 -19.89 17.28 30.60
C PHE B 82 -19.79 16.88 29.12
N VAL B 83 -18.87 17.54 28.39
CA VAL B 83 -18.65 17.29 26.95
C VAL B 83 -18.32 15.84 26.71
N ASN B 84 -17.40 15.32 27.50
CA ASN B 84 -17.01 13.93 27.36
C ASN B 84 -18.24 13.02 27.44
N ALA B 85 -19.34 13.51 28.00
CA ALA B 85 -20.53 12.70 28.12
C ALA B 85 -21.61 12.96 27.06
N THR B 86 -21.34 13.92 26.19
CA THR B 86 -22.27 14.22 25.13
C THR B 86 -21.67 13.60 23.86
N PHE B 87 -22.32 13.84 22.74
CA PHE B 87 -21.84 13.35 21.46
C PHE B 87 -20.69 14.22 21.02
N ILE B 88 -20.54 15.37 21.68
CA ILE B 88 -19.50 16.29 21.34
C ILE B 88 -18.09 15.70 21.45
N ARG B 89 -17.94 14.58 22.16
CA ARG B 89 -16.63 13.95 22.29
C ARG B 89 -16.19 13.30 20.97
N ASP B 90 -17.13 12.67 20.29
CA ASP B 90 -16.86 12.02 19.01
C ASP B 90 -16.59 13.01 17.92
N THR B 91 -17.39 14.05 17.93
CA THR B 91 -17.29 15.14 17.00
C THR B 91 -15.89 15.73 17.01
N LEU B 92 -15.38 15.99 18.20
CA LEU B 92 -14.05 16.53 18.35
C LEU B 92 -13.00 15.47 18.03
N MET B 93 -13.23 14.24 18.46
CA MET B 93 -12.26 13.17 18.19
C MET B 93 -12.08 12.98 16.69
N ARG B 94 -13.17 13.12 15.95
CA ARG B 94 -13.13 12.99 14.51
C ARG B 94 -12.36 14.18 13.92
N LEU B 95 -12.58 15.35 14.49
CA LEU B 95 -11.89 16.55 14.03
C LEU B 95 -10.37 16.42 14.22
N VAL B 96 -9.96 16.01 15.42
CA VAL B 96 -8.54 15.81 15.75
C VAL B 96 -7.91 14.83 14.75
N LEU B 97 -8.62 13.74 14.50
CA LEU B 97 -8.18 12.70 13.60
C LEU B 97 -7.97 13.18 12.21
N THR B 98 -8.98 13.82 11.61
CA THR B 98 -8.86 14.26 10.23
C THR B 98 -7.92 15.41 10.05
N VAL B 99 -8.10 16.42 10.87
CA VAL B 99 -7.28 17.61 10.82
C VAL B 99 -5.79 17.29 10.96
N ARG B 100 -5.48 16.48 11.96
CA ARG B 100 -4.11 16.08 12.24
C ARG B 100 -3.50 15.33 11.07
N SER B 101 -4.24 14.35 10.57
CA SER B 101 -3.78 13.50 9.46
C SER B 101 -3.52 14.17 8.12
N ASN B 102 -4.31 15.18 7.77
CA ASN B 102 -4.13 15.86 6.49
C ASN B 102 -2.75 16.40 6.31
N LEU B 103 -2.02 16.52 7.41
CA LEU B 103 -0.67 17.05 7.37
C LEU B 103 0.35 16.07 6.84
N ILE B 104 0.01 14.78 6.84
CA ILE B 104 0.90 13.74 6.38
C ILE B 104 0.47 13.20 5.03
N PRO B 105 1.30 13.35 3.98
CA PRO B 105 1.03 12.91 2.60
C PRO B 105 0.87 11.42 2.35
N SER B 106 -0.15 11.09 1.55
CA SER B 106 -0.49 9.73 1.18
C SER B 106 -1.10 9.69 -0.23
N PRO B 107 -0.50 8.90 -1.14
CA PRO B 107 0.69 8.08 -0.89
C PRO B 107 1.92 8.93 -0.57
N PRO B 108 2.93 8.32 0.08
CA PRO B 108 4.19 8.95 0.49
C PRO B 108 4.90 9.66 -0.67
N THR B 109 5.76 10.63 -0.36
CA THR B 109 6.44 11.40 -1.39
C THR B 109 7.92 11.12 -1.63
N TYR B 110 8.80 11.79 -0.86
CA TYR B 110 10.28 11.67 -1.01
C TYR B 110 10.97 10.65 -0.09
N ASN B 111 12.21 10.32 -0.42
CA ASN B 111 12.99 9.41 0.42
C ASN B 111 14.44 9.92 0.37
N ILE B 112 15.35 9.29 1.12
CA ILE B 112 16.74 9.74 1.15
C ILE B 112 17.37 9.87 -0.25
N ALA B 113 16.85 9.09 -1.19
CA ALA B 113 17.35 9.10 -2.55
C ALA B 113 16.63 10.01 -3.54
N HIS B 114 15.35 10.26 -3.34
CA HIS B 114 14.62 11.08 -4.29
C HIS B 114 13.93 12.24 -3.62
N ASP B 115 14.31 13.44 -4.02
CA ASP B 115 13.67 14.62 -3.47
C ASP B 115 12.67 15.07 -4.49
N TYR B 116 12.02 14.07 -5.08
CA TYR B 116 10.97 14.23 -6.06
C TYR B 116 10.15 12.97 -5.94
N ILE B 117 8.91 13.01 -6.41
CA ILE B 117 8.06 11.84 -6.40
C ILE B 117 8.57 10.90 -7.50
N SER B 118 8.50 9.61 -7.25
CA SER B 118 8.98 8.66 -8.24
C SER B 118 8.37 7.33 -7.90
N TRP B 119 8.31 6.44 -8.88
CA TRP B 119 7.74 5.13 -8.65
C TRP B 119 8.57 4.36 -7.63
N GLU B 120 9.89 4.48 -7.72
CA GLU B 120 10.79 3.76 -6.79
C GLU B 120 10.54 4.17 -5.36
N SER B 121 10.28 5.45 -5.14
CA SER B 121 10.03 5.93 -3.79
C SER B 121 8.70 5.32 -3.34
N PHE B 122 7.70 5.43 -4.19
CA PHE B 122 6.41 4.88 -3.91
C PHE B 122 6.43 3.39 -3.63
N SER B 123 7.30 2.67 -4.32
CA SER B 123 7.33 1.24 -4.13
C SER B 123 8.41 0.61 -3.28
N ASN B 124 9.61 1.18 -3.23
CA ASN B 124 10.67 0.59 -2.41
C ASN B 124 10.45 0.90 -0.93
N VAL B 125 9.90 -0.08 -0.25
CA VAL B 125 9.56 0.03 1.15
C VAL B 125 10.72 -0.05 2.15
N SER B 126 11.95 -0.18 1.63
CA SER B 126 13.13 -0.22 2.50
C SER B 126 13.53 1.18 2.92
N TYR B 127 13.00 2.19 2.24
CA TYR B 127 13.30 3.57 2.56
C TYR B 127 12.33 4.17 3.59
N TYR B 128 12.85 5.05 4.45
CA TYR B 128 12.00 5.79 5.37
C TYR B 128 11.58 6.92 4.43
N THR B 129 10.39 7.46 4.60
CA THR B 129 9.98 8.53 3.71
C THR B 129 10.35 9.81 4.42
N ARG B 130 10.08 10.95 3.80
CA ARG B 130 10.36 12.25 4.42
C ARG B 130 9.33 13.26 3.92
N ILE B 131 8.99 14.21 4.79
CA ILE B 131 7.99 15.25 4.50
C ILE B 131 8.55 16.41 3.69
N LEU B 132 9.78 16.78 4.00
CA LEU B 132 10.44 17.86 3.27
C LEU B 132 11.67 17.27 2.62
N PRO B 133 11.93 17.62 1.37
CA PRO B 133 13.11 17.10 0.68
C PRO B 133 14.32 17.63 1.38
N SER B 134 15.46 17.03 1.11
CA SER B 134 16.66 17.48 1.79
C SER B 134 17.12 18.85 1.39
N VAL B 135 18.17 19.33 2.05
CA VAL B 135 18.77 20.62 1.73
C VAL B 135 19.65 20.26 0.54
N PRO B 136 19.38 20.87 -0.62
CA PRO B 136 20.16 20.59 -1.84
C PRO B 136 21.64 20.53 -1.54
N ARG B 137 22.30 19.52 -2.05
CA ARG B 137 23.71 19.35 -1.80
C ARG B 137 24.56 20.49 -2.32
N ASP B 138 23.99 21.30 -3.22
CA ASP B 138 24.71 22.42 -3.80
C ASP B 138 24.45 23.81 -3.17
N CYS B 139 24.03 23.80 -1.92
CA CYS B 139 23.73 25.04 -1.23
C CYS B 139 24.97 25.59 -0.51
N PRO B 140 25.05 26.93 -0.33
CA PRO B 140 26.13 27.66 0.33
C PRO B 140 26.47 27.12 1.70
N THR B 141 25.47 27.04 2.56
CA THR B 141 25.69 26.54 3.89
C THR B 141 25.02 25.18 3.97
N PRO B 142 25.25 24.44 5.07
CA PRO B 142 24.67 23.11 5.31
C PRO B 142 23.14 23.09 5.44
N MET B 143 22.57 24.23 5.82
CA MET B 143 21.14 24.35 6.00
C MET B 143 20.51 25.16 4.91
N GLY B 144 21.23 25.34 3.81
CA GLY B 144 20.66 26.09 2.71
C GLY B 144 21.33 27.41 2.43
N THR B 145 20.72 28.47 2.95
CA THR B 145 21.27 29.80 2.71
C THR B 145 21.82 30.49 3.96
N LYS B 146 21.25 30.19 5.14
CA LYS B 146 21.65 30.81 6.40
C LYS B 146 22.54 30.00 7.32
N GLY B 147 23.07 30.66 8.35
CA GLY B 147 23.91 29.96 9.30
C GLY B 147 25.37 29.93 8.89
N LYS B 148 26.19 29.32 9.72
CA LYS B 148 27.60 29.23 9.46
C LYS B 148 27.87 28.09 8.50
N LYS B 149 28.97 28.20 7.77
CA LYS B 149 29.38 27.21 6.77
C LYS B 149 29.66 25.87 7.38
N GLN B 150 29.77 25.85 8.70
CA GLN B 150 30.01 24.61 9.41
C GLN B 150 29.03 24.58 10.57
N LEU B 151 28.46 23.41 10.84
CA LEU B 151 27.50 23.32 11.92
C LEU B 151 28.19 22.96 13.22
N PRO B 152 27.57 23.31 14.36
CA PRO B 152 28.06 23.05 15.71
C PRO B 152 28.51 21.60 15.90
N ASP B 153 29.63 21.39 16.57
CA ASP B 153 30.09 20.03 16.83
C ASP B 153 28.93 19.30 17.53
N ALA B 154 28.51 18.18 16.98
CA ALA B 154 27.39 17.43 17.55
C ALA B 154 27.62 17.06 19.01
N GLU B 155 28.81 16.56 19.31
CA GLU B 155 29.18 16.16 20.66
C GLU B 155 29.11 17.30 21.68
N PHE B 156 29.68 18.44 21.29
CA PHE B 156 29.75 19.66 22.10
C PHE B 156 28.36 20.16 22.41
N LEU B 157 27.61 20.28 21.34
CA LEU B 157 26.24 20.73 21.39
C LEU B 157 25.48 19.80 22.35
N SER B 158 25.85 18.51 22.38
CA SER B 158 25.20 17.56 23.25
C SER B 158 25.56 17.64 24.72
N ARG B 159 26.80 17.95 25.05
CA ARG B 159 27.20 18.07 26.45
C ARG B 159 26.79 19.41 27.06
N ARG B 160 26.63 20.45 26.26
CA ARG B 160 26.25 21.77 26.79
C ARG B 160 24.78 21.97 27.02
N PHE B 161 23.95 21.46 26.12
CA PHE B 161 22.53 21.65 26.25
C PHE B 161 21.67 20.43 26.45
N LEU B 162 22.20 19.23 26.24
CA LEU B 162 21.36 18.04 26.37
C LEU B 162 21.74 17.16 27.52
N LEU B 163 22.96 17.31 28.01
CA LEU B 163 23.41 16.48 29.13
C LEU B 163 22.71 16.84 30.43
N ARG B 164 22.19 15.80 31.10
CA ARG B 164 21.48 15.97 32.34
C ARG B 164 22.39 16.36 33.46
N ARG B 165 22.10 17.52 34.04
CA ARG B 165 22.85 18.01 35.18
C ARG B 165 22.14 17.35 36.37
N LYS B 166 20.92 17.83 36.63
CA LYS B 166 20.09 17.31 37.71
C LYS B 166 18.91 16.69 36.99
N PHE B 167 18.39 15.59 37.54
CA PHE B 167 17.24 14.91 36.96
C PHE B 167 15.97 15.75 37.07
N ILE B 168 15.33 16.01 35.96
CA ILE B 168 14.10 16.76 35.99
C ILE B 168 13.00 15.80 35.66
N PRO B 169 12.15 15.49 36.65
CA PRO B 169 11.05 14.56 36.41
C PRO B 169 9.96 15.21 35.56
N ASP B 170 9.19 14.37 34.88
CA ASP B 170 8.12 14.88 34.06
C ASP B 170 7.01 15.31 34.98
N PRO B 171 6.58 16.58 34.87
CA PRO B 171 5.50 17.19 35.65
C PRO B 171 4.17 16.54 35.38
N GLN B 172 4.04 15.87 34.25
CA GLN B 172 2.79 15.19 33.94
C GLN B 172 2.59 13.88 34.71
N GLY B 173 3.61 13.44 35.42
CA GLY B 173 3.49 12.23 36.22
C GLY B 173 3.68 10.95 35.44
N THR B 174 4.37 11.06 34.32
CA THR B 174 4.62 9.92 33.48
C THR B 174 5.65 9.09 34.22
N ASN B 175 5.57 7.78 34.11
CA ASN B 175 6.51 6.88 34.79
C ASN B 175 7.34 5.99 33.85
N LEU B 176 8.02 4.97 34.39
CA LEU B 176 8.83 4.10 33.56
C LEU B 176 7.98 3.07 32.83
N MET B 177 6.80 2.76 33.36
CA MET B 177 5.92 1.80 32.71
C MET B 177 5.54 2.36 31.33
N PHE B 178 5.35 3.66 31.26
CA PHE B 178 5.05 4.35 30.03
C PHE B 178 6.33 4.54 29.21
N ALA B 179 7.44 4.93 29.85
CA ALA B 179 8.69 5.11 29.12
C ALA B 179 9.11 3.83 28.39
N PHE B 180 8.95 2.68 29.03
CA PHE B 180 9.30 1.40 28.41
C PHE B 180 8.27 0.98 27.39
N PHE B 181 7.02 1.35 27.61
CA PHE B 181 5.96 1.03 26.66
C PHE B 181 6.24 1.74 25.34
N ALA B 182 6.66 2.99 25.43
CA ALA B 182 6.99 3.80 24.26
C ALA B 182 8.18 3.21 23.52
N GLN B 183 9.17 2.76 24.26
CA GLN B 183 10.34 2.18 23.64
C GLN B 183 9.96 0.89 22.93
N HIS B 184 9.20 0.03 23.62
CA HIS B 184 8.78 -1.25 23.06
C HIS B 184 7.95 -1.01 21.82
N PHE B 185 6.92 -0.21 21.98
CA PHE B 185 5.98 0.14 20.91
C PHE B 185 6.70 0.67 19.67
N THR B 186 7.38 1.81 19.81
CA THR B 186 8.10 2.42 18.70
C THR B 186 9.14 1.53 18.00
N HIS B 187 9.68 0.54 18.69
CA HIS B 187 10.68 -0.30 18.07
C HIS B 187 10.14 -1.39 17.15
N GLN B 188 8.89 -1.23 16.74
CA GLN B 188 8.28 -2.16 15.81
C GLN B 188 8.27 -1.46 14.45
N PHE B 189 8.20 -0.13 14.45
CA PHE B 189 8.24 0.63 13.19
C PHE B 189 9.51 1.42 12.90
N PHE B 190 10.35 1.62 13.92
CA PHE B 190 11.64 2.31 13.80
C PHE B 190 12.61 1.16 13.92
N LYS B 191 13.32 0.88 12.86
CA LYS B 191 14.23 -0.24 12.87
C LYS B 191 15.20 0.00 11.71
N THR B 192 16.01 1.04 11.84
CA THR B 192 16.95 1.44 10.82
C THR B 192 17.95 0.35 10.43
N SER B 193 18.06 0.06 9.14
CA SER B 193 18.99 -0.95 8.63
C SER B 193 20.42 -0.50 8.81
N GLY B 194 21.11 -1.21 9.70
CA GLY B 194 22.50 -0.87 9.95
C GLY B 194 23.35 -1.14 8.73
N LYS B 195 23.01 -2.24 8.04
CA LYS B 195 23.73 -2.63 6.83
C LYS B 195 23.54 -1.64 5.66
N MET B 196 22.34 -1.05 5.53
CA MET B 196 22.06 -0.12 4.44
C MET B 196 22.35 1.34 4.72
N GLY B 197 22.45 1.71 6.00
CA GLY B 197 22.73 3.09 6.34
C GLY B 197 21.47 3.82 6.73
N PRO B 198 21.60 5.11 7.08
CA PRO B 198 20.45 5.93 7.48
C PRO B 198 19.49 6.04 6.33
N GLY B 199 18.22 6.24 6.66
CA GLY B 199 17.22 6.35 5.63
C GLY B 199 16.67 5.02 5.18
N PHE B 200 17.25 3.94 5.71
CA PHE B 200 16.84 2.58 5.42
C PHE B 200 16.31 1.87 6.63
N THR B 201 15.18 1.18 6.48
CA THR B 201 14.50 0.47 7.57
C THR B 201 14.29 -1.00 7.30
N LYS B 202 14.30 -1.78 8.37
CA LYS B 202 14.07 -3.19 8.29
C LYS B 202 12.63 -3.47 8.67
N ALA B 203 11.97 -2.47 9.23
CA ALA B 203 10.59 -2.59 9.66
C ALA B 203 9.71 -2.23 8.50
N LEU B 204 9.61 -3.15 7.55
CA LEU B 204 8.84 -2.96 6.34
C LEU B 204 7.34 -2.85 6.51
N GLY B 205 6.87 -3.15 7.71
CA GLY B 205 5.45 -3.04 8.00
C GLY B 205 5.05 -1.57 8.06
N HIS B 206 6.01 -0.70 8.34
CA HIS B 206 5.80 0.75 8.42
C HIS B 206 4.59 1.12 9.25
N GLY B 207 4.49 0.52 10.42
CA GLY B 207 3.35 0.79 11.27
C GLY B 207 3.16 -0.26 12.33
N VAL B 208 1.96 -0.28 12.90
CA VAL B 208 1.60 -1.23 13.93
C VAL B 208 1.27 -2.64 13.37
N ASP B 209 2.29 -3.35 12.94
CA ASP B 209 2.10 -4.71 12.45
C ASP B 209 2.44 -5.72 13.54
N LEU B 210 2.88 -5.22 14.69
CA LEU B 210 3.31 -6.05 15.83
C LEU B 210 4.45 -6.99 15.46
N GLY B 211 5.33 -6.51 14.60
CA GLY B 211 6.47 -7.29 14.16
C GLY B 211 7.55 -7.41 15.20
N HIS B 212 7.44 -6.58 16.23
CA HIS B 212 8.39 -6.63 17.32
C HIS B 212 8.01 -7.75 18.32
N ILE B 213 6.96 -8.50 17.98
CA ILE B 213 6.46 -9.63 18.78
C ILE B 213 6.61 -10.89 17.96
N TYR B 214 6.16 -10.80 16.69
CA TYR B 214 6.16 -11.87 15.70
C TYR B 214 7.36 -12.01 14.74
N GLY B 215 8.19 -10.98 14.59
CA GLY B 215 9.31 -11.08 13.69
C GLY B 215 9.09 -10.15 12.53
N ASP B 216 10.15 -9.58 11.97
CA ASP B 216 9.97 -8.66 10.85
C ASP B 216 10.00 -9.41 9.53
N ASN B 217 10.01 -10.74 9.61
CA ASN B 217 10.05 -11.57 8.41
C ASN B 217 9.47 -12.95 8.71
N LEU B 218 8.83 -13.55 7.69
CA LEU B 218 8.17 -14.85 7.82
C LEU B 218 8.96 -15.96 8.45
N GLU B 219 10.19 -16.12 8.04
CA GLU B 219 11.00 -17.17 8.62
C GLU B 219 11.10 -17.06 10.12
N ARG B 220 11.43 -15.87 10.59
CA ARG B 220 11.55 -15.59 12.02
C ARG B 220 10.22 -15.92 12.71
N GLN B 221 9.11 -15.57 12.08
CA GLN B 221 7.82 -15.85 12.65
C GLN B 221 7.67 -17.33 12.85
N TYR B 222 7.97 -18.11 11.83
CA TYR B 222 7.85 -19.54 11.92
C TYR B 222 8.71 -20.15 13.00
N GLN B 223 9.81 -19.48 13.28
CA GLN B 223 10.75 -19.92 14.28
C GLN B 223 10.18 -19.72 15.66
N LEU B 224 9.45 -18.63 15.84
CA LEU B 224 8.87 -18.29 17.13
C LEU B 224 7.53 -18.98 17.37
N ARG B 225 6.95 -19.54 16.30
CA ARG B 225 5.65 -20.20 16.40
C ARG B 225 5.67 -21.61 16.89
N LEU B 226 4.73 -21.90 17.78
CA LEU B 226 4.60 -23.20 18.38
C LEU B 226 3.99 -24.16 17.37
N PHE B 227 3.16 -23.60 16.49
CA PHE B 227 2.46 -24.37 15.47
C PHE B 227 1.45 -25.32 16.07
N LYS B 228 0.78 -24.89 17.13
CA LYS B 228 -0.26 -25.66 17.79
C LYS B 228 -1.18 -24.64 18.40
N ASP B 229 -2.46 -24.72 18.05
CA ASP B 229 -3.50 -23.81 18.55
C ASP B 229 -3.22 -22.36 18.28
N GLY B 230 -2.39 -22.10 17.28
CA GLY B 230 -2.04 -20.74 16.91
C GLY B 230 -1.10 -20.11 17.90
N LYS B 231 -0.68 -20.91 18.87
CA LYS B 231 0.22 -20.45 19.91
C LYS B 231 1.62 -20.13 19.46
N LEU B 232 2.26 -19.30 20.28
CA LEU B 232 3.64 -18.83 20.14
C LEU B 232 4.41 -19.69 21.12
N LYS B 233 5.67 -19.99 20.82
CA LYS B 233 6.49 -20.81 21.72
C LYS B 233 6.71 -20.05 23.01
N TYR B 234 7.14 -20.76 24.05
CA TYR B 234 7.41 -20.11 25.32
C TYR B 234 8.03 -21.12 26.26
N GLN B 235 8.33 -20.69 27.48
CA GLN B 235 8.94 -21.55 28.48
C GLN B 235 8.43 -21.23 29.87
N MET B 236 8.51 -22.21 30.74
CA MET B 236 8.05 -22.06 32.10
C MET B 236 9.27 -21.95 32.97
N LEU B 237 9.31 -20.91 33.80
CA LEU B 237 10.39 -20.66 34.72
C LEU B 237 9.65 -20.20 35.94
N ASN B 238 9.90 -20.89 37.07
CA ASN B 238 9.24 -20.57 38.34
C ASN B 238 7.73 -20.68 38.21
N GLY B 239 7.31 -21.62 37.35
CA GLY B 239 5.91 -21.83 37.10
C GLY B 239 5.28 -20.70 36.30
N GLU B 240 6.10 -19.79 35.81
CA GLU B 240 5.62 -18.67 35.04
C GLU B 240 6.06 -18.81 33.60
N VAL B 241 5.30 -18.21 32.71
CA VAL B 241 5.58 -18.26 31.28
C VAL B 241 6.47 -17.12 30.84
N TYR B 242 7.51 -17.46 30.07
CA TYR B 242 8.47 -16.50 29.55
C TYR B 242 8.80 -16.85 28.11
N PRO B 243 9.35 -15.90 27.34
CA PRO B 243 9.70 -16.20 25.96
C PRO B 243 10.63 -17.40 25.92
N PRO B 244 10.58 -18.18 24.84
CA PRO B 244 11.41 -19.38 24.69
C PRO B 244 12.88 -19.01 24.68
N SER B 245 13.76 -20.01 24.73
CA SER B 245 15.20 -19.75 24.69
C SER B 245 15.68 -19.68 23.24
N VAL B 246 16.81 -19.06 22.99
CA VAL B 246 17.31 -19.00 21.63
C VAL B 246 17.66 -20.42 21.22
N GLU B 247 17.68 -21.33 22.18
CA GLU B 247 17.97 -22.72 21.89
C GLU B 247 16.71 -23.39 21.36
N GLU B 248 15.60 -23.02 21.96
CA GLU B 248 14.31 -23.54 21.58
C GLU B 248 13.76 -22.88 20.32
N ALA B 249 14.03 -21.60 20.17
CA ALA B 249 13.58 -20.80 19.04
C ALA B 249 14.81 -20.06 18.57
N PRO B 250 15.67 -20.74 17.80
CA PRO B 250 16.95 -20.30 17.21
C PRO B 250 16.79 -19.13 16.28
N VAL B 251 16.51 -17.98 16.87
CA VAL B 251 16.28 -16.75 16.15
C VAL B 251 17.44 -15.78 16.49
N LEU B 252 17.92 -14.98 15.54
CA LEU B 252 19.01 -14.05 15.87
C LEU B 252 18.61 -12.93 16.82
N MET B 253 19.36 -12.84 17.91
CA MET B 253 19.14 -11.83 18.92
C MET B 253 20.46 -11.13 19.12
N HIS B 254 20.40 -9.91 19.59
CA HIS B 254 21.59 -9.14 19.88
C HIS B 254 21.87 -9.19 21.37
N TYR B 255 22.71 -10.13 21.80
CA TYR B 255 23.13 -10.28 23.20
C TYR B 255 24.66 -10.21 23.17
N PRO B 256 25.32 -9.48 24.09
CA PRO B 256 26.78 -9.42 24.05
C PRO B 256 27.47 -10.78 24.00
N ARG B 257 28.56 -10.85 23.25
CA ARG B 257 29.32 -12.08 23.10
C ARG B 257 29.83 -12.54 24.46
N GLY B 258 29.44 -13.75 24.86
CA GLY B 258 29.88 -14.27 26.15
C GLY B 258 28.71 -14.72 27.03
N ILE B 259 27.50 -14.32 26.63
CA ILE B 259 26.25 -14.67 27.29
C ILE B 259 25.76 -16.00 26.71
N PRO B 260 25.59 -17.01 27.56
CA PRO B 260 25.14 -18.33 27.09
C PRO B 260 23.80 -18.18 26.38
N PRO B 261 23.54 -19.02 25.37
CA PRO B 261 22.30 -18.97 24.58
C PRO B 261 21.20 -19.44 25.51
N GLN B 262 21.62 -20.26 26.45
CA GLN B 262 20.76 -20.80 27.46
C GLN B 262 20.14 -19.63 28.23
N SER B 263 20.77 -18.45 28.17
CA SER B 263 20.30 -17.26 28.88
C SER B 263 19.75 -16.19 27.95
N GLN B 264 19.56 -16.54 26.68
CA GLN B 264 19.01 -15.58 25.75
C GLN B 264 17.59 -15.96 25.44
N MET B 265 16.71 -14.98 25.51
CA MET B 265 15.30 -15.21 25.23
C MET B 265 15.10 -14.76 23.80
N ALA B 266 14.34 -15.57 23.04
CA ALA B 266 14.04 -15.25 21.65
C ALA B 266 12.68 -14.55 21.52
N VAL B 267 12.71 -13.35 20.95
CA VAL B 267 11.49 -12.58 20.73
C VAL B 267 11.51 -11.94 19.34
N GLY B 268 10.41 -11.30 18.97
CA GLY B 268 10.32 -10.68 17.67
C GLY B 268 11.43 -9.72 17.34
N GLN B 269 11.64 -8.73 18.20
CA GLN B 269 12.67 -7.70 18.03
C GLN B 269 14.02 -8.20 18.56
N GLU B 270 15.00 -8.28 17.66
CA GLU B 270 16.35 -8.79 17.96
C GLU B 270 17.04 -8.10 19.09
N VAL B 271 16.71 -6.83 19.19
CA VAL B 271 17.32 -5.98 20.15
C VAL B 271 16.72 -5.94 21.54
N PHE B 272 15.50 -6.44 21.72
CA PHE B 272 14.82 -6.42 23.02
C PHE B 272 15.47 -7.09 24.22
N GLY B 273 16.58 -7.81 24.00
CA GLY B 273 17.26 -8.44 25.11
C GLY B 273 18.11 -7.48 25.97
N LEU B 274 18.39 -6.27 25.45
CA LEU B 274 19.21 -5.25 26.12
C LEU B 274 18.65 -4.59 27.38
N LEU B 275 17.39 -4.88 27.71
CA LEU B 275 16.73 -4.22 28.85
C LEU B 275 15.54 -4.96 29.43
N PRO B 276 15.52 -5.11 30.76
CA PRO B 276 14.43 -5.80 31.44
C PRO B 276 13.09 -5.17 31.10
N GLY B 277 13.07 -3.85 30.93
CA GLY B 277 11.83 -3.16 30.61
C GLY B 277 11.20 -3.63 29.31
N LEU B 278 12.04 -3.86 28.31
CA LEU B 278 11.62 -4.33 26.99
C LEU B 278 11.15 -5.77 27.04
N MET B 279 12.00 -6.63 27.55
CA MET B 279 11.69 -8.03 27.69
C MET B 279 10.47 -8.22 28.61
N LEU B 280 10.18 -7.24 29.47
CA LEU B 280 9.01 -7.35 30.34
C LEU B 280 7.78 -7.28 29.46
N TYR B 281 7.75 -6.28 28.59
CA TYR B 281 6.65 -6.10 27.66
C TYR B 281 6.55 -7.21 26.62
N ALA B 282 7.68 -7.76 26.20
CA ALA B 282 7.62 -8.86 25.24
C ALA B 282 6.94 -10.07 25.91
N THR B 283 7.18 -10.24 27.21
CA THR B 283 6.60 -11.32 28.00
C THR B 283 5.07 -11.15 28.18
N ILE B 284 4.63 -9.94 28.48
CA ILE B 284 3.19 -9.64 28.67
C ILE B 284 2.41 -9.94 27.38
N TRP B 285 2.92 -9.47 26.26
CA TRP B 285 2.27 -9.69 24.98
C TRP B 285 2.35 -11.16 24.54
N LEU B 286 3.44 -11.86 24.82
CA LEU B 286 3.50 -13.28 24.44
C LEU B 286 2.43 -13.99 25.26
N ARG B 287 2.34 -13.63 26.52
CA ARG B 287 1.34 -14.20 27.39
C ARG B 287 -0.02 -13.91 26.77
N GLU B 288 -0.25 -12.64 26.44
CA GLU B 288 -1.50 -12.19 25.83
C GLU B 288 -1.90 -12.88 24.51
N HIS B 289 -0.94 -13.16 23.64
CA HIS B 289 -1.24 -13.83 22.37
C HIS B 289 -1.78 -15.23 22.61
N ASN B 290 -1.06 -16.01 23.40
CA ASN B 290 -1.47 -17.37 23.68
C ASN B 290 -2.83 -17.46 24.39
N ARG B 291 -3.13 -16.45 25.21
CA ARG B 291 -4.37 -16.37 25.97
C ARG B 291 -5.53 -16.20 25.04
N VAL B 292 -5.37 -15.29 24.10
CA VAL B 292 -6.38 -15.02 23.12
C VAL B 292 -6.51 -16.26 22.18
N CYS B 293 -5.41 -16.95 21.93
CA CYS B 293 -5.47 -18.15 21.12
C CYS B 293 -6.43 -19.13 21.76
N ASP B 294 -6.40 -19.23 23.07
CA ASP B 294 -7.31 -20.13 23.76
C ASP B 294 -8.75 -19.68 23.64
N LEU B 295 -9.04 -18.39 23.80
CA LEU B 295 -10.40 -17.88 23.67
C LEU B 295 -11.05 -18.21 22.34
N LEU B 296 -10.23 -18.19 21.30
CA LEU B 296 -10.71 -18.47 19.96
C LEU B 296 -10.96 -19.95 19.72
N LYS B 297 -10.00 -20.78 20.12
CA LYS B 297 -10.09 -22.22 19.97
C LYS B 297 -11.38 -22.73 20.59
N ALA B 298 -11.76 -22.15 21.72
CA ALA B 298 -12.98 -22.54 22.40
C ALA B 298 -14.17 -22.25 21.54
N GLU B 299 -14.11 -21.12 20.87
CA GLU B 299 -15.17 -20.64 20.02
C GLU B 299 -15.18 -21.32 18.67
N HIS B 300 -14.02 -21.69 18.16
CA HIS B 300 -13.92 -22.27 16.84
C HIS B 300 -13.05 -23.54 16.84
N PRO B 301 -13.59 -24.64 17.35
CA PRO B 301 -12.85 -25.92 17.42
C PRO B 301 -12.44 -26.43 16.06
N THR B 302 -13.14 -25.96 15.04
CA THR B 302 -12.86 -26.36 13.68
C THR B 302 -11.64 -25.67 13.09
N TRP B 303 -11.21 -24.57 13.72
CA TRP B 303 -10.07 -23.79 13.24
C TRP B 303 -8.76 -24.48 13.41
N GLY B 304 -7.85 -24.17 12.48
CA GLY B 304 -6.51 -24.72 12.52
C GLY B 304 -5.53 -23.76 13.18
N ASP B 305 -4.24 -24.10 13.14
CA ASP B 305 -3.19 -23.28 13.73
C ASP B 305 -3.08 -21.93 13.06
N GLU B 306 -2.88 -21.92 11.75
CA GLU B 306 -2.79 -20.66 11.00
C GLU B 306 -3.92 -19.70 11.28
N GLN B 307 -5.16 -20.12 11.10
CA GLN B 307 -6.23 -19.19 11.36
C GLN B 307 -6.31 -18.75 12.82
N LEU B 308 -5.95 -19.63 13.74
CA LEU B 308 -5.94 -19.22 15.14
C LEU B 308 -4.85 -18.14 15.27
N PHE B 309 -3.65 -18.45 14.81
CA PHE B 309 -2.51 -17.54 14.86
C PHE B 309 -2.82 -16.19 14.23
N GLN B 310 -3.25 -16.25 12.98
CA GLN B 310 -3.60 -15.08 12.22
C GLN B 310 -4.65 -14.22 12.90
N THR B 311 -5.74 -14.83 13.38
CA THR B 311 -6.79 -14.07 14.03
C THR B 311 -6.29 -13.54 15.38
N ALA B 312 -5.41 -14.27 16.06
CA ALA B 312 -4.89 -13.81 17.34
C ALA B 312 -4.09 -12.54 17.14
N ARG B 313 -3.23 -12.53 16.13
CA ARG B 313 -2.43 -11.38 15.83
C ARG B 313 -3.25 -10.12 15.50
N LEU B 314 -4.34 -10.28 14.75
CA LEU B 314 -5.19 -9.13 14.42
C LEU B 314 -5.86 -8.56 15.66
N ILE B 315 -6.16 -9.43 16.62
CA ILE B 315 -6.79 -9.02 17.88
C ILE B 315 -5.83 -8.19 18.72
N LEU B 316 -4.57 -8.61 18.83
CA LEU B 316 -3.58 -7.85 19.59
C LEU B 316 -3.20 -6.55 18.89
N ILE B 317 -3.26 -6.53 17.56
CA ILE B 317 -2.97 -5.30 16.79
C ILE B 317 -4.05 -4.29 17.20
N GLY B 318 -5.29 -4.74 17.25
CA GLY B 318 -6.38 -3.87 17.66
C GLY B 318 -6.24 -3.45 19.10
N GLU B 319 -5.84 -4.38 19.98
CA GLU B 319 -5.63 -4.09 21.40
C GLU B 319 -4.56 -3.05 21.55
N THR B 320 -3.49 -3.20 20.79
CA THR B 320 -2.40 -2.26 20.81
C THR B 320 -2.85 -0.86 20.39
N ILE B 321 -3.53 -0.73 19.26
CA ILE B 321 -3.98 0.57 18.77
C ILE B 321 -4.95 1.25 19.71
N LYS B 322 -5.71 0.48 20.47
CA LYS B 322 -6.66 1.07 21.43
C LYS B 322 -5.98 1.67 22.65
N ILE B 323 -5.14 0.86 23.28
CA ILE B 323 -4.39 1.28 24.44
C ILE B 323 -3.48 2.45 24.12
N VAL B 324 -2.91 2.49 22.92
CA VAL B 324 -2.06 3.61 22.55
C VAL B 324 -2.86 4.92 22.50
N ILE B 325 -4.01 4.92 21.83
CA ILE B 325 -4.83 6.13 21.72
C ILE B 325 -5.51 6.60 23.00
N GLU B 326 -6.10 5.66 23.70
CA GLU B 326 -6.84 5.99 24.90
C GLU B 326 -6.11 6.05 26.22
N GLU B 327 -4.93 5.47 26.29
CA GLU B 327 -4.19 5.53 27.54
C GLU B 327 -2.79 6.16 27.37
N TYR B 328 -2.03 5.67 26.40
CA TYR B 328 -0.69 6.17 26.10
C TYR B 328 -0.77 7.64 25.66
N VAL B 329 -1.49 7.93 24.58
CA VAL B 329 -1.62 9.30 24.08
C VAL B 329 -2.42 10.14 25.01
N GLN B 330 -3.35 9.52 25.73
CA GLN B 330 -4.12 10.27 26.70
C GLN B 330 -3.16 10.85 27.75
N GLN B 331 -2.27 10.01 28.28
CA GLN B 331 -1.27 10.41 29.29
C GLN B 331 -0.35 11.51 28.76
N LEU B 332 0.30 11.24 27.63
CA LEU B 332 1.22 12.14 26.97
C LEU B 332 0.59 13.53 26.66
N SER B 333 -0.63 13.57 26.15
CA SER B 333 -1.28 14.84 25.83
C SER B 333 -1.69 15.59 27.08
N GLY B 334 -2.15 14.85 28.08
CA GLY B 334 -2.60 15.43 29.32
C GLY B 334 -3.88 16.21 29.11
N TYR B 335 -4.62 15.88 28.05
CA TYR B 335 -5.88 16.55 27.73
C TYR B 335 -6.99 16.12 28.66
N PHE B 336 -8.01 16.96 28.74
CA PHE B 336 -9.20 16.67 29.55
C PHE B 336 -10.23 16.03 28.65
N LEU B 337 -10.09 16.26 27.35
CA LEU B 337 -10.96 15.65 26.38
C LEU B 337 -10.59 14.17 26.44
N GLN B 338 -11.58 13.31 26.53
CA GLN B 338 -11.34 11.87 26.60
C GLN B 338 -11.20 11.27 25.21
N LEU B 339 -9.95 11.08 24.76
CA LEU B 339 -9.66 10.53 23.45
C LEU B 339 -10.38 9.20 23.27
N LYS B 340 -10.62 8.83 22.02
CA LYS B 340 -11.36 7.63 21.76
C LYS B 340 -10.89 6.91 20.51
N PHE B 341 -10.86 5.58 20.58
CA PHE B 341 -10.49 4.77 19.44
C PHE B 341 -11.75 4.13 18.87
N ASP B 342 -12.22 4.71 17.77
CA ASP B 342 -13.41 4.25 17.05
C ASP B 342 -13.12 4.45 15.56
N PRO B 343 -12.64 3.40 14.86
CA PRO B 343 -12.32 3.49 13.45
C PRO B 343 -13.45 4.08 12.64
N GLU B 344 -14.67 3.92 13.15
CA GLU B 344 -15.84 4.40 12.46
C GLU B 344 -16.02 5.89 12.28
N LEU B 345 -15.35 6.69 13.12
CA LEU B 345 -15.46 8.15 13.03
C LEU B 345 -14.86 8.62 11.71
N LEU B 346 -14.10 7.75 11.06
CA LEU B 346 -13.47 8.07 9.80
C LEU B 346 -14.15 7.45 8.58
N PHE B 347 -15.18 6.65 8.80
CA PHE B 347 -15.87 6.01 7.69
C PHE B 347 -16.54 6.99 6.73
N GLY B 348 -16.73 8.23 7.14
CA GLY B 348 -17.33 9.18 6.22
C GLY B 348 -16.30 10.10 5.57
N ALA B 349 -15.12 10.14 6.18
CA ALA B 349 -14.04 10.98 5.69
C ALA B 349 -13.30 10.41 4.50
N GLN B 350 -12.53 11.26 3.83
CA GLN B 350 -11.72 10.79 2.73
C GLN B 350 -10.40 10.57 3.46
N PHE B 351 -10.06 9.31 3.70
CA PHE B 351 -8.85 8.92 4.43
C PHE B 351 -8.23 7.70 3.73
N GLN B 352 -6.92 7.67 3.55
CA GLN B 352 -6.27 6.53 2.91
C GLN B 352 -5.69 5.61 3.98
N TYR B 353 -6.13 4.36 4.01
CA TYR B 353 -5.60 3.45 5.02
C TYR B 353 -4.27 2.93 4.54
N ARG B 354 -3.25 3.76 4.68
CA ARG B 354 -1.91 3.40 4.27
C ARG B 354 -0.96 4.27 5.11
N ASN B 355 0.19 3.73 5.48
CA ASN B 355 1.17 4.45 6.28
C ASN B 355 2.61 4.13 5.87
N ARG B 356 3.52 5.10 6.06
CA ARG B 356 4.94 4.98 5.73
C ARG B 356 5.78 5.78 6.72
N ILE B 357 6.64 5.10 7.48
CA ILE B 357 7.47 5.75 8.50
C ILE B 357 8.41 6.79 7.92
N ALA B 358 8.27 8.02 8.39
CA ALA B 358 9.08 9.16 7.97
C ALA B 358 10.32 9.25 8.82
N MET B 359 11.44 9.66 8.23
CA MET B 359 12.67 9.81 8.99
C MET B 359 12.54 10.89 10.06
N GLU B 360 11.79 11.95 9.77
CA GLU B 360 11.58 13.00 10.77
C GLU B 360 10.92 12.46 12.02
N PHE B 361 10.03 11.48 11.83
CA PHE B 361 9.31 10.84 12.94
C PHE B 361 10.28 10.04 13.81
N ASN B 362 11.27 9.43 13.17
CA ASN B 362 12.25 8.65 13.88
C ASN B 362 13.12 9.57 14.76
N GLN B 363 13.51 10.73 14.23
CA GLN B 363 14.32 11.70 15.00
C GLN B 363 13.54 12.11 16.25
N LEU B 364 12.39 12.71 15.99
CA LEU B 364 11.46 13.20 16.99
C LEU B 364 11.16 12.23 18.13
N TYR B 365 11.03 10.94 17.83
CA TYR B 365 10.75 9.92 18.84
C TYR B 365 11.97 9.42 19.63
N HIS B 366 13.05 10.21 19.64
CA HIS B 366 14.25 9.84 20.40
C HIS B 366 14.07 10.47 21.77
N TRP B 367 13.06 9.99 22.48
CA TRP B 367 12.69 10.46 23.80
C TRP B 367 13.57 9.94 24.92
N HIS B 368 14.88 9.89 24.66
CA HIS B 368 15.84 9.37 25.63
C HIS B 368 15.85 10.06 27.01
N PRO B 369 15.46 11.35 27.08
CA PRO B 369 15.43 12.02 28.39
C PRO B 369 14.44 11.42 29.39
N LEU B 370 13.63 10.47 28.94
CA LEU B 370 12.66 9.83 29.82
C LEU B 370 13.39 8.98 30.84
N MET B 371 14.44 8.31 30.40
CA MET B 371 15.20 7.42 31.25
C MET B 371 15.73 8.15 32.46
N PRO B 372 15.62 7.53 33.63
CA PRO B 372 16.05 8.02 34.93
C PRO B 372 17.55 7.86 35.17
N ASP B 373 17.96 8.25 36.37
CA ASP B 373 19.35 8.15 36.76
C ASP B 373 19.68 6.74 37.20
N SER B 374 18.68 6.03 37.71
CA SER B 374 18.87 4.65 38.13
C SER B 374 17.49 4.01 38.13
N PHE B 375 17.42 2.71 38.34
CA PHE B 375 16.15 2.02 38.33
C PHE B 375 15.86 1.40 39.65
N ARG B 376 14.87 1.97 40.33
CA ARG B 376 14.47 1.49 41.64
C ARG B 376 13.46 0.39 41.54
N VAL B 377 13.80 -0.78 42.08
CA VAL B 377 12.88 -1.89 42.10
C VAL B 377 12.73 -2.25 43.58
N GLY B 378 11.80 -1.53 44.22
CA GLY B 378 11.52 -1.71 45.64
C GLY B 378 12.60 -1.07 46.47
N PRO B 379 13.07 -1.79 47.50
CA PRO B 379 14.13 -1.24 48.35
C PRO B 379 15.41 -1.18 47.53
N GLN B 380 15.50 -2.05 46.53
CA GLN B 380 16.67 -2.11 45.67
C GLN B 380 16.70 -1.03 44.62
N ASP B 381 17.88 -0.48 44.43
CA ASP B 381 18.05 0.55 43.44
C ASP B 381 19.17 0.10 42.51
N TYR B 382 18.85 -0.09 41.23
CA TYR B 382 19.84 -0.56 40.27
C TYR B 382 20.40 0.50 39.35
N SER B 383 21.68 0.33 39.02
CA SER B 383 22.35 1.26 38.14
C SER B 383 22.24 0.81 36.70
N TYR B 384 22.62 1.69 35.78
CA TYR B 384 22.59 1.33 34.38
C TYR B 384 23.44 0.10 34.17
N GLU B 385 24.60 0.01 34.83
CA GLU B 385 25.43 -1.17 34.63
C GLU B 385 24.81 -2.46 35.17
N GLN B 386 23.84 -2.35 36.08
CA GLN B 386 23.19 -3.55 36.59
C GLN B 386 21.90 -3.83 35.82
N PHE B 387 21.36 -2.80 35.17
CA PHE B 387 20.12 -2.90 34.41
C PHE B 387 20.38 -3.37 32.97
N LEU B 388 20.98 -2.50 32.15
CA LEU B 388 21.26 -2.85 30.76
C LEU B 388 21.90 -4.23 30.62
N PHE B 389 21.31 -5.03 29.74
CA PHE B 389 21.75 -6.40 29.45
C PHE B 389 21.62 -7.41 30.58
N ASN B 390 20.89 -7.07 31.65
CA ASN B 390 20.71 -7.98 32.79
C ASN B 390 19.77 -9.11 32.40
N THR B 391 20.33 -10.24 32.00
CA THR B 391 19.53 -11.38 31.54
C THR B 391 18.73 -12.09 32.62
N SER B 392 18.84 -11.66 33.86
CA SER B 392 18.11 -12.34 34.92
C SER B 392 17.12 -11.56 35.74
N MET B 393 17.17 -10.23 35.71
CA MET B 393 16.25 -9.48 36.54
C MET B 393 14.76 -9.78 36.38
N LEU B 394 14.33 -10.05 35.16
CA LEU B 394 12.91 -10.33 34.89
C LEU B 394 12.37 -11.62 35.49
N VAL B 395 13.12 -12.70 35.33
CA VAL B 395 12.70 -13.97 35.87
C VAL B 395 12.83 -13.97 37.40
N ASP B 396 13.77 -13.17 37.88
CA ASP B 396 14.02 -13.03 39.31
C ASP B 396 12.83 -12.44 39.96
N TYR B 397 12.48 -11.24 39.51
CA TYR B 397 11.36 -10.46 40.05
C TYR B 397 10.00 -10.84 39.53
N GLY B 398 9.93 -11.26 38.28
CA GLY B 398 8.67 -11.61 37.69
C GLY B 398 7.95 -10.36 37.17
N VAL B 399 6.96 -10.58 36.29
CA VAL B 399 6.19 -9.50 35.69
C VAL B 399 5.56 -8.54 36.68
N GLU B 400 4.78 -9.05 37.62
CA GLU B 400 4.11 -8.20 38.60
C GLU B 400 5.06 -7.25 39.34
N ALA B 401 6.15 -7.80 39.87
CA ALA B 401 7.16 -7.01 40.60
C ALA B 401 7.76 -5.85 39.82
N LEU B 402 8.10 -6.09 38.56
CA LEU B 402 8.66 -5.06 37.71
C LEU B 402 7.59 -4.08 37.25
N VAL B 403 6.39 -4.54 36.99
CA VAL B 403 5.34 -3.62 36.53
C VAL B 403 4.98 -2.59 37.59
N ASP B 404 4.92 -3.06 38.82
CA ASP B 404 4.56 -2.20 39.95
C ASP B 404 5.67 -1.18 40.15
N ALA B 405 6.91 -1.65 39.98
CA ALA B 405 8.11 -0.82 40.14
C ALA B 405 8.14 0.31 39.12
N PHE B 406 8.14 -0.06 37.85
CA PHE B 406 8.18 0.91 36.79
C PHE B 406 6.97 1.83 36.85
N SER B 407 5.83 1.32 37.32
CA SER B 407 4.60 2.12 37.41
C SER B 407 4.65 3.18 38.47
N ARG B 408 5.57 3.01 39.41
CA ARG B 408 5.71 3.95 40.50
C ARG B 408 6.85 4.94 40.36
N GLN B 409 7.89 4.58 39.61
CA GLN B 409 9.02 5.48 39.43
C GLN B 409 8.81 6.47 38.31
N PRO B 410 8.92 7.75 38.61
CA PRO B 410 8.73 8.78 37.60
C PRO B 410 9.80 8.81 36.52
N ALA B 411 9.37 9.21 35.34
CA ALA B 411 10.21 9.33 34.17
C ALA B 411 10.54 10.82 34.06
N GLY B 412 11.65 11.14 33.39
CA GLY B 412 12.08 12.52 33.25
C GLY B 412 11.39 13.31 32.16
N ARG B 413 11.48 14.63 32.26
CA ARG B 413 10.89 15.50 31.28
C ARG B 413 11.59 15.29 29.95
N ILE B 414 10.88 15.49 28.85
CA ILE B 414 11.44 15.31 27.52
C ILE B 414 11.94 16.66 27.00
N GLY B 415 11.03 17.63 26.91
CA GLY B 415 11.41 18.94 26.42
C GLY B 415 12.15 19.74 27.49
N GLY B 416 12.78 20.85 27.08
CA GLY B 416 13.48 21.68 28.04
C GLY B 416 14.99 21.81 28.02
N GLY B 417 15.71 20.72 27.77
CA GLY B 417 17.16 20.78 27.75
C GLY B 417 17.81 20.19 28.99
N ARG B 418 19.10 19.89 28.90
CA ARG B 418 19.89 19.32 29.99
C ARG B 418 19.22 18.22 30.83
N ASN B 419 18.65 17.23 30.17
CA ASN B 419 18.01 16.14 30.91
C ASN B 419 18.24 14.71 30.37
N ILE B 420 19.28 14.51 29.55
CA ILE B 420 19.61 13.17 29.03
C ILE B 420 20.73 12.61 29.88
N ASP B 421 20.49 11.49 30.54
CA ASP B 421 21.51 10.84 31.40
C ASP B 421 22.81 10.55 30.62
N HIS B 422 23.94 10.89 31.21
CA HIS B 422 25.21 10.69 30.55
C HIS B 422 25.43 9.32 29.95
N HIS B 423 24.84 8.29 30.55
CA HIS B 423 24.99 6.92 30.04
C HIS B 423 24.51 6.70 28.62
N ILE B 424 23.50 7.44 28.19
CA ILE B 424 22.98 7.27 26.84
C ILE B 424 23.08 8.54 25.98
N LEU B 425 23.83 9.54 26.46
CA LEU B 425 23.99 10.80 25.73
C LEU B 425 24.59 10.58 24.33
N HIS B 426 25.29 9.45 24.11
CA HIS B 426 25.87 9.16 22.80
C HIS B 426 24.84 9.04 21.71
N VAL B 427 23.68 8.50 22.06
CA VAL B 427 22.60 8.31 21.11
C VAL B 427 22.20 9.68 20.54
N ALA B 428 22.04 10.68 21.39
CA ALA B 428 21.66 12.01 20.94
C ALA B 428 22.69 12.63 20.02
N VAL B 429 23.96 12.29 20.28
CA VAL B 429 25.04 12.81 19.45
C VAL B 429 24.90 12.21 18.07
N ASP B 430 24.64 10.90 18.02
CA ASP B 430 24.46 10.18 16.78
C ASP B 430 23.25 10.70 16.02
N VAL B 431 22.16 10.99 16.73
CA VAL B 431 20.95 11.50 16.09
C VAL B 431 21.21 12.78 15.34
N ILE B 432 22.02 13.64 15.94
CA ILE B 432 22.38 14.92 15.33
C ILE B 432 23.26 14.72 14.10
N LYS B 433 24.19 13.79 14.20
CA LYS B 433 25.07 13.49 13.09
C LYS B 433 24.33 12.88 11.90
N GLU B 434 23.36 12.02 12.20
CA GLU B 434 22.54 11.35 11.19
C GLU B 434 21.63 12.37 10.49
N SER B 435 21.09 13.30 11.26
CA SER B 435 20.25 14.36 10.75
C SER B 435 20.97 15.06 9.63
N ARG B 436 22.27 15.22 9.79
CA ARG B 436 23.10 15.91 8.80
C ARG B 436 23.43 15.05 7.59
N VAL B 437 23.47 13.73 7.77
CA VAL B 437 23.70 12.80 6.67
C VAL B 437 22.44 12.86 5.79
N LEU B 438 21.28 12.76 6.44
CA LEU B 438 19.99 12.81 5.77
C LEU B 438 19.76 14.24 5.26
N ARG B 439 20.58 15.18 5.70
CA ARG B 439 20.46 16.58 5.28
C ARG B 439 19.07 17.13 5.49
N LEU B 440 18.55 16.95 6.70
CA LEU B 440 17.22 17.43 7.08
C LEU B 440 17.24 18.94 7.02
N GLN B 441 16.10 19.53 6.66
CA GLN B 441 15.99 20.97 6.59
C GLN B 441 15.95 21.58 7.97
N PRO B 442 16.11 22.90 8.07
CA PRO B 442 16.10 23.59 9.37
C PRO B 442 14.82 23.46 10.13
N PHE B 443 14.94 23.49 11.45
CA PHE B 443 13.81 23.39 12.34
C PHE B 443 12.71 24.38 11.96
N ASN B 444 13.08 25.60 11.62
CA ASN B 444 12.07 26.59 11.27
C ASN B 444 11.24 26.25 10.03
N GLU B 445 11.81 25.46 9.12
CA GLU B 445 11.12 25.07 7.90
C GLU B 445 10.03 24.09 8.26
N TYR B 446 10.38 23.12 9.11
CA TYR B 446 9.42 22.15 9.56
C TYR B 446 8.33 22.82 10.40
N ARG B 447 8.68 23.89 11.10
CA ARG B 447 7.71 24.62 11.92
C ARG B 447 6.61 25.07 11.01
N LYS B 448 6.99 25.72 9.94
CA LYS B 448 6.07 26.23 8.98
C LYS B 448 5.31 25.08 8.34
N ARG B 449 6.05 24.07 7.92
CA ARG B 449 5.47 22.90 7.28
C ARG B 449 4.34 22.26 8.09
N PHE B 450 4.47 22.33 9.41
CA PHE B 450 3.43 21.78 10.27
C PHE B 450 2.46 22.83 10.83
N GLY B 451 2.30 23.91 10.05
CA GLY B 451 1.38 24.97 10.37
C GLY B 451 1.73 25.94 11.48
N MET B 452 3.00 26.07 11.81
CA MET B 452 3.40 26.99 12.85
C MET B 452 4.23 28.11 12.27
N LYS B 453 4.34 29.20 13.02
CA LYS B 453 5.13 30.34 12.58
C LYS B 453 6.53 30.05 13.04
N PRO B 454 7.53 30.40 12.23
CA PRO B 454 8.92 30.15 12.59
C PRO B 454 9.41 31.09 13.69
N TYR B 455 10.35 30.59 14.50
CA TYR B 455 10.92 31.37 15.57
C TYR B 455 11.73 32.51 14.98
N THR B 456 11.67 33.64 15.64
CA THR B 456 12.36 34.82 15.23
C THR B 456 13.65 35.05 16.03
N SER B 457 13.84 34.33 17.11
CA SER B 457 15.05 34.49 17.91
C SER B 457 15.30 33.24 18.72
N PHE B 458 16.54 33.04 19.14
CA PHE B 458 16.83 31.87 19.95
C PHE B 458 16.14 31.94 21.29
N GLN B 459 15.91 33.15 21.78
CA GLN B 459 15.23 33.36 23.06
C GLN B 459 13.74 33.01 22.97
N GLU B 460 13.10 33.36 21.85
CA GLU B 460 11.71 33.04 21.64
C GLU B 460 11.51 31.53 21.68
N LEU B 461 12.52 30.80 21.22
CA LEU B 461 12.49 29.38 21.21
C LEU B 461 12.64 28.83 22.61
N THR B 462 13.78 29.13 23.25
CA THR B 462 14.08 28.59 24.60
C THR B 462 13.28 29.16 25.73
N GLY B 463 12.95 30.44 25.61
CA GLY B 463 12.20 31.10 26.67
C GLY B 463 13.12 31.76 27.69
N GLU B 464 14.41 31.82 27.38
CA GLU B 464 15.36 32.44 28.27
C GLU B 464 16.42 33.17 27.48
N LYS B 465 17.53 33.48 28.16
CA LYS B 465 18.58 34.22 27.51
C LYS B 465 19.95 33.60 27.55
N GLU B 466 20.25 32.87 28.62
CA GLU B 466 21.56 32.26 28.69
C GLU B 466 21.87 31.28 27.58
N MET B 467 21.21 30.13 27.57
CA MET B 467 21.41 29.14 26.52
C MET B 467 21.19 29.74 25.15
N ALA B 468 20.12 30.51 25.02
CA ALA B 468 19.72 31.16 23.78
C ALA B 468 20.88 31.90 23.11
N ALA B 469 21.56 32.70 23.91
CA ALA B 469 22.69 33.47 23.42
C ALA B 469 23.84 32.61 22.95
N GLU B 470 24.11 31.52 23.65
CA GLU B 470 25.21 30.67 23.24
C GLU B 470 24.86 29.90 21.99
N LEU B 471 23.61 29.46 21.89
CA LEU B 471 23.09 28.72 20.72
C LEU B 471 23.23 29.65 19.55
N GLU B 472 22.89 30.91 19.77
CA GLU B 472 22.98 31.89 18.72
C GLU B 472 24.41 32.10 18.20
N GLU B 473 25.38 32.14 19.08
CA GLU B 473 26.72 32.34 18.58
C GLU B 473 27.25 31.07 17.94
N LEU B 474 26.57 29.94 18.16
CA LEU B 474 26.96 28.65 17.60
C LEU B 474 26.34 28.41 16.22
N TYR B 475 25.04 28.65 16.13
CA TYR B 475 24.32 28.45 14.90
C TYR B 475 24.38 29.67 14.02
N GLY B 476 24.47 30.82 14.65
CA GLY B 476 24.53 32.03 13.87
C GLY B 476 23.18 32.58 13.52
N ASP B 477 22.27 31.72 13.06
CA ASP B 477 20.92 32.16 12.69
C ASP B 477 19.90 31.18 13.23
N ILE B 478 18.77 31.69 13.69
CA ILE B 478 17.74 30.81 14.22
C ILE B 478 17.28 29.95 13.06
N ASP B 479 17.30 30.54 11.87
CA ASP B 479 16.91 29.88 10.64
C ASP B 479 17.95 28.83 10.22
N ALA B 480 18.91 28.54 11.09
CA ALA B 480 19.88 27.51 10.82
C ALA B 480 19.80 26.47 11.92
N LEU B 481 18.90 26.67 12.88
CA LEU B 481 18.73 25.71 13.96
C LEU B 481 18.23 24.36 13.41
N GLU B 482 18.92 23.29 13.74
CA GLU B 482 18.57 21.95 13.29
C GLU B 482 17.32 21.37 13.93
N PHE B 483 16.68 20.46 13.19
CA PHE B 483 15.44 19.79 13.59
C PHE B 483 15.38 19.19 14.99
N TYR B 484 16.24 18.21 15.29
CA TYR B 484 16.24 17.58 16.61
C TYR B 484 16.56 18.54 17.77
N PRO B 485 17.71 19.27 17.74
CA PRO B 485 18.04 20.20 18.82
C PRO B 485 16.89 21.16 19.05
N GLY B 486 16.36 21.71 17.97
CA GLY B 486 15.24 22.63 18.09
C GLY B 486 14.10 22.02 18.87
N LEU B 487 13.74 20.77 18.59
CA LEU B 487 12.64 20.09 19.29
C LEU B 487 12.84 19.91 20.81
N LEU B 488 14.03 19.47 21.19
CA LEU B 488 14.38 19.25 22.59
C LEU B 488 14.72 20.50 23.40
N LEU B 489 15.21 21.54 22.74
CA LEU B 489 15.58 22.77 23.44
C LEU B 489 14.47 23.78 23.49
N GLU B 490 13.41 23.56 22.72
CA GLU B 490 12.25 24.47 22.70
C GLU B 490 11.52 24.38 24.05
N LYS B 491 11.04 25.54 24.50
CA LYS B 491 10.33 25.64 25.78
C LYS B 491 9.09 24.79 25.87
N CYS B 492 8.93 24.13 27.01
CA CYS B 492 7.78 23.29 27.27
C CYS B 492 6.53 24.10 27.53
N HIS B 493 5.39 23.50 27.25
CA HIS B 493 4.12 24.12 27.56
C HIS B 493 4.16 24.06 29.09
N PRO B 494 3.43 24.94 29.77
CA PRO B 494 3.42 24.95 31.24
C PRO B 494 3.11 23.59 31.82
N ASN B 495 3.93 23.13 32.77
CA ASN B 495 3.70 21.85 33.43
C ASN B 495 3.58 20.69 32.46
N SER B 496 4.11 20.84 31.25
CA SER B 496 4.04 19.80 30.25
C SER B 496 5.34 19.05 30.15
N ILE B 497 5.30 17.87 29.51
CA ILE B 497 6.46 17.02 29.32
C ILE B 497 7.33 17.52 28.16
N PHE B 498 6.73 18.28 27.27
CA PHE B 498 7.43 18.87 26.15
C PHE B 498 6.69 20.06 25.62
N GLY B 499 7.24 20.69 24.60
CA GLY B 499 6.64 21.88 24.04
C GLY B 499 5.77 21.73 22.81
N GLU B 500 5.28 22.86 22.34
CA GLU B 500 4.41 22.97 21.18
C GLU B 500 4.77 22.12 19.97
N SER B 501 6.00 22.23 19.50
CA SER B 501 6.44 21.50 18.31
C SER B 501 6.34 19.99 18.35
N MET B 502 6.70 19.38 19.47
CA MET B 502 6.65 17.93 19.61
C MET B 502 5.23 17.42 19.38
N ILE B 503 4.26 18.19 19.80
CA ILE B 503 2.86 17.84 19.62
C ILE B 503 2.43 18.12 18.20
N GLU B 504 2.53 19.37 17.78
CA GLU B 504 2.13 19.74 16.43
C GLU B 504 2.78 18.95 15.30
N MET B 505 4.00 18.47 15.51
CA MET B 505 4.72 17.70 14.50
C MET B 505 4.56 16.19 14.69
N GLY B 506 4.61 15.74 15.93
CA GLY B 506 4.48 14.33 16.23
C GLY B 506 3.08 13.78 16.12
N ALA B 507 2.07 14.57 16.48
CA ALA B 507 0.69 14.09 16.41
C ALA B 507 0.28 13.60 15.03
N PRO B 508 0.47 14.43 13.96
CA PRO B 508 0.09 14.01 12.59
C PRO B 508 0.71 12.68 12.25
N PHE B 509 2.01 12.57 12.42
CA PHE B 509 2.73 11.34 12.16
C PHE B 509 2.10 10.19 12.93
N SER B 510 1.77 10.45 14.20
CA SER B 510 1.19 9.47 15.11
C SER B 510 -0.20 8.98 14.82
N LEU B 511 -1.13 9.93 14.68
CA LEU B 511 -2.52 9.62 14.40
C LEU B 511 -2.69 8.93 13.05
N LYS B 512 -1.94 9.39 12.05
CA LYS B 512 -2.00 8.77 10.73
C LYS B 512 -1.56 7.30 10.79
N GLY B 513 -0.51 7.04 11.54
CA GLY B 513 0.01 5.70 11.67
C GLY B 513 -0.84 4.74 12.45
N LEU B 514 -1.74 5.28 13.28
CA LEU B 514 -2.62 4.43 14.05
C LEU B 514 -3.90 4.20 13.25
N LEU B 515 -4.49 5.26 12.74
CA LEU B 515 -5.72 5.13 11.96
C LEU B 515 -5.50 4.66 10.54
N GLY B 516 -4.28 4.77 10.05
CA GLY B 516 -3.98 4.30 8.70
C GLY B 516 -3.73 2.80 8.62
N ASN B 517 -3.95 2.09 9.71
CA ASN B 517 -3.75 0.65 9.73
C ASN B 517 -4.91 0.00 8.97
N PRO B 518 -4.64 -1.04 8.14
CA PRO B 518 -5.75 -1.66 7.40
C PRO B 518 -6.89 -2.16 8.26
N ILE B 519 -6.64 -2.58 9.50
CA ILE B 519 -7.74 -3.05 10.34
C ILE B 519 -8.72 -1.93 10.68
N CYS B 520 -8.35 -0.69 10.42
CA CYS B 520 -9.23 0.43 10.72
C CYS B 520 -10.12 0.76 9.57
N SER B 521 -9.86 0.16 8.43
CA SER B 521 -10.67 0.39 7.24
C SER B 521 -12.01 -0.33 7.43
N PRO B 522 -13.06 0.15 6.76
CA PRO B 522 -14.38 -0.45 6.85
C PRO B 522 -14.33 -1.89 6.38
N GLU B 523 -13.47 -2.15 5.42
CA GLU B 523 -13.29 -3.48 4.85
C GLU B 523 -12.90 -4.51 5.91
N TYR B 524 -12.08 -4.10 6.89
CA TYR B 524 -11.64 -5.01 7.92
C TYR B 524 -12.35 -4.89 9.25
N TRP B 525 -12.80 -3.67 9.60
CA TRP B 525 -13.49 -3.42 10.86
C TRP B 525 -14.85 -4.11 10.88
N LYS B 526 -14.82 -5.43 11.07
CA LYS B 526 -16.00 -6.28 11.09
C LYS B 526 -15.72 -7.27 12.16
N ALA B 527 -16.75 -7.73 12.85
CA ALA B 527 -16.56 -8.69 13.89
C ALA B 527 -15.95 -9.97 13.37
N SER B 528 -16.29 -10.37 12.15
CA SER B 528 -15.74 -11.61 11.61
C SER B 528 -14.22 -11.57 11.45
N THR B 529 -13.68 -10.37 11.21
CA THR B 529 -12.24 -10.18 11.04
C THR B 529 -11.47 -10.64 12.26
N PHE B 530 -12.14 -10.56 13.42
CA PHE B 530 -11.56 -10.93 14.69
C PHE B 530 -12.02 -12.26 15.25
N GLY B 531 -12.84 -12.95 14.48
CA GLY B 531 -13.32 -14.25 14.91
C GLY B 531 -14.66 -14.24 15.63
N GLY B 532 -15.40 -13.13 15.55
CA GLY B 532 -16.69 -13.05 16.21
C GLY B 532 -16.74 -11.90 17.18
N GLU B 533 -17.82 -11.78 17.94
CA GLU B 533 -17.96 -10.72 18.92
C GLU B 533 -16.90 -10.81 19.97
N VAL B 534 -16.56 -12.02 20.35
CA VAL B 534 -15.54 -12.28 21.35
C VAL B 534 -14.24 -11.58 21.04
N GLY B 535 -13.62 -11.91 19.92
CA GLY B 535 -12.37 -11.26 19.57
C GLY B 535 -12.57 -9.77 19.34
N PHE B 536 -13.71 -9.41 18.79
CA PHE B 536 -14.01 -8.02 18.51
C PHE B 536 -14.07 -7.17 19.74
N ASN B 537 -14.62 -7.70 20.82
CA ASN B 537 -14.70 -6.94 22.03
C ASN B 537 -13.37 -6.86 22.74
N LEU B 538 -12.54 -7.90 22.60
CA LEU B 538 -11.21 -7.92 23.18
C LEU B 538 -10.51 -6.65 22.73
N VAL B 539 -10.67 -6.35 21.44
CA VAL B 539 -10.11 -5.17 20.84
C VAL B 539 -10.81 -3.96 21.41
N LYS B 540 -12.12 -3.92 21.25
CA LYS B 540 -12.95 -2.82 21.71
C LYS B 540 -12.87 -2.45 23.17
N THR B 541 -12.37 -3.34 24.00
CA THR B 541 -12.30 -3.04 25.42
C THR B 541 -10.90 -3.14 26.04
N ALA B 542 -9.89 -3.29 25.18
CA ALA B 542 -8.50 -3.39 25.62
C ALA B 542 -8.15 -2.30 26.59
N THR B 543 -7.34 -2.66 27.58
CA THR B 543 -6.93 -1.76 28.65
C THR B 543 -5.61 -2.23 29.21
N LEU B 544 -4.74 -1.28 29.58
CA LEU B 544 -3.42 -1.59 30.11
C LEU B 544 -3.46 -2.53 31.33
N LYS B 545 -4.38 -2.27 32.24
CA LYS B 545 -4.54 -3.10 33.43
C LYS B 545 -4.94 -4.53 33.04
N LYS B 546 -5.90 -4.67 32.13
CA LYS B 546 -6.36 -5.98 31.68
C LYS B 546 -5.24 -6.72 31.00
N LEU B 547 -4.48 -5.99 30.18
CA LEU B 547 -3.36 -6.55 29.45
C LEU B 547 -2.38 -7.22 30.40
N VAL B 548 -2.06 -6.51 31.48
CA VAL B 548 -1.13 -7.02 32.46
C VAL B 548 -1.76 -8.05 33.33
N CYS B 549 -2.77 -7.60 34.06
CA CYS B 549 -3.46 -8.40 35.03
C CYS B 549 -4.13 -9.67 34.62
N LEU B 550 -4.64 -9.76 33.40
CA LEU B 550 -5.24 -11.02 32.99
C LEU B 550 -4.15 -12.01 32.65
N ASN B 551 -2.91 -11.55 32.74
CA ASN B 551 -1.77 -12.38 32.40
C ASN B 551 -0.76 -12.54 33.55
N THR B 552 -1.17 -12.16 34.76
CA THR B 552 -0.28 -12.26 35.93
C THR B 552 -1.01 -12.78 37.17
N LYS B 553 -0.35 -13.67 37.93
CA LYS B 553 -0.90 -14.26 39.15
C LYS B 553 -1.58 -13.25 40.07
N THR B 554 -1.04 -12.04 40.12
CA THR B 554 -1.62 -10.99 40.93
C THR B 554 -1.62 -9.76 40.07
N CYS B 555 -2.33 -8.74 40.51
CA CYS B 555 -2.42 -7.52 39.75
C CYS B 555 -1.81 -6.37 40.55
N PRO B 556 -0.65 -5.86 40.12
CA PRO B 556 0.11 -4.77 40.73
C PRO B 556 -0.44 -3.41 40.38
N TYR B 557 0.21 -2.38 40.91
CA TYR B 557 -0.17 -1.03 40.55
C TYR B 557 0.27 -0.97 39.11
N VAL B 558 -0.67 -0.81 38.18
CA VAL B 558 -0.29 -0.76 36.78
C VAL B 558 -0.90 0.49 36.17
N SER B 559 -0.03 1.40 35.70
CA SER B 559 -0.47 2.65 35.09
C SER B 559 0.64 3.39 34.33
N PHE B 560 0.24 4.38 33.51
CA PHE B 560 1.19 5.22 32.76
C PHE B 560 1.47 6.48 33.59
N HIS B 561 0.65 6.68 34.63
CA HIS B 561 0.78 7.79 35.53
C HIS B 561 1.36 7.22 36.80
N VAL B 562 2.25 7.98 37.40
CA VAL B 562 2.88 7.57 38.64
C VAL B 562 1.76 7.78 39.64
N PRO B 563 1.63 6.90 40.65
CA PRO B 563 0.56 7.02 41.65
C PRO B 563 0.38 8.42 42.28
#